data_9ERX
#
_entry.id   9ERX
#
_cell.length_a   1.00
_cell.length_b   1.00
_cell.length_c   1.00
_cell.angle_alpha   90.00
_cell.angle_beta   90.00
_cell.angle_gamma   90.00
#
_symmetry.space_group_name_H-M   'P 1'
#
loop_
_entity.id
_entity.type
_entity.pdbx_description
1 polymer 'Guanine nucleotide-binding protein G(i) subunit alpha-1'
2 polymer 'Guanine nucleotide-binding protein G(I)/G(S)/G(T) subunit beta-1'
3 polymer 'Guanine nucleotide-binding protein G(I)/G(S)/G(O) subunit gamma-2'
4 polymer 'Cannabinoid receptor 1'
5 polymer 'Antibody ScFv16 Fab fragment'
6 non-polymer (6aR,10aR)-9-(hydroxymethyl)-6,6-dimethyl-3-(2-methyloctan-2-yl)-6a,7,10,10a-tetrahydrobenzo[c]chromen-1-ol
7 water water
#
loop_
_entity_poly.entity_id
_entity_poly.type
_entity_poly.pdbx_seq_one_letter_code
_entity_poly.pdbx_strand_id
1 'polypeptide(L)'
;GCTLSAEDKAAVERSKMIDRNLREDGEKAAREVKLLLLGAGESGKSTIVKQMKIIHEAGYSEEECKQYKAVVYSNTIQSI
IAIIRAMGRLKIDFGDSARADDARQLFVLAGAAEEGFMTAELAGVIKRLWKDSGVQACFNRSREYQLNDSAAYYLNDLDR
IAQPNYIPTQQDVLRTRVKTTGIVETHFTFKDLHFKMFDVGAQRSERKKWIHCFEGVTAIIFCVALSDYDLVLAEDEEMN
RMHESMKLFDSICNNKWFTDTSIILFLNKKDLFEEKIKKSPLTICYPEYAGSNTYEEAAAYIQCQFEDLNKRKDTKEIYT
HFTCSTDTKNVQFVFDAVTDVIIKNNLKDCGLF
;
A
2 'polypeptide(L)'
;MHHHHHHLEVLFQGPGSSGSELDQLRQEAEQLKNQIRDARKACADATLSQITNNIDPVGRIQMRTRRTLRGHLAKIYAMH
WGTDSRLLVSASQDGKLIIWDSYTTNKVHAIPLRSSWVMTCAYAPSGNYVACGGLDNICSIYNLKTREGNVRVSRELAGH
TGYLSCCRFLDDNQIVTSSGDTTCALWDIETGQQTTTFTGHTGDVMSLSLAPDTRLFVSGACDASAKLWDVREGMCRQTF
TGHESDINAICFFPNGNAFATGSDDATCRLFDLRADQELMTYSHDNIICGITSVSFSKSGRLLLAGYDDFNCNVWDALKA
DRAGVLAGHDNRVSCLGVTDDGMAVATGSWDSFLKIWN
;
B
3 'polypeptide(L)' MASNNTASIAQARKLVEQLKMEANIDRIKVSKAAADLMAYCEAHAKEDPLLTPVPASENPFREKKFFCAIL C
4 'polypeptide(L)'
;MKTIIALSYIFCLVFADYKDDDDKGSKSILDGLADTTFRTITTDLLYVGSNDIQYEDIKGDMASKLGYFPQKFPLTSFRG
SPFQEKMTAGDNPQLVPADQVNITEFYNKSLSSFKENEENIQCGENFMDIECFMVLNPSQQLAIAVLSLTLGTFTVLENL
LVLCVILHSRSLRCRPSYHFIGSLAVADLLGSVIFVYSFIDFHVFHRKDSRNVFLFKLGGVTASFTASVGSLFLTAIDRY
ISIHRPLAYKRIVTRPKAVVAFCLMWTIAIVIAVLPLLGWNCEKLQSVCSDIFPHIDETYLMFWIGVTSVLLLFIVYAYM
YILWKAHSHAVRMIQRGTQKSIIIHTSEDGKVQVTRPDQARMDIRLAKTLVLILVVLIICWGPLLAIMVYDVFGKMNKLI
KTVFAFCSMLCLLNSTVNPIIYALRSKDLRHAFRSMFPSCEGTAQPLDNSMGDSDCLHKHANNAASVHRAAESCIKSTVK
IAKVTMSVSTDTSAEALHHHHHHHHHH
;
R
5 'polypeptide(L)'
;MLLVNQSHQGFNKEHTSKMVSAIVLYVLLAAAAHSAFADVQLVESGGGLVQPGGSRKLSCSASGFAFSSFGMHWVRQAPE
KGLEWVAYISSGSGTIYYADTVKGRFTISRDDPKNTLFLQMTSLRSEDTAMYYCVRSIYYYGSSPFDFWGQGTTLTVSSG
GGGSGGGGSGGGGSDIVMTQATSSVPVTPGESVSISCRSSKSLLHSNGNTYLYWFLQRPGQSPQLLIYRMSNLASGVPDR
FSGSGSGTAFTLTISRLEAEDVGVYYCMQHLEYPLTFGAGTKLELKAAALEVLFQGPGSHHHHHHHH
;
F
#
# COMPACT_ATOMS: atom_id res chain seq x y z
N CYS A 2 27.26 -9.19 4.18
CA CYS A 2 25.90 -9.67 4.36
C CYS A 2 25.83 -11.19 4.23
N THR A 3 24.65 -11.74 4.53
CA THR A 3 24.42 -13.18 4.44
C THR A 3 23.31 -13.47 3.45
N LEU A 4 23.37 -12.85 2.27
CA LEU A 4 22.33 -12.98 1.27
C LEU A 4 22.57 -14.10 0.27
N SER A 5 23.82 -14.24 -0.21
CA SER A 5 24.26 -14.98 -1.39
C SER A 5 23.71 -14.39 -2.69
N ALA A 6 24.13 -14.95 -3.83
CA ALA A 6 23.90 -14.28 -5.10
C ALA A 6 22.44 -14.38 -5.54
N GLU A 7 21.78 -15.49 -5.20
CA GLU A 7 20.40 -15.68 -5.62
C GLU A 7 19.46 -14.73 -4.89
N ASP A 8 19.63 -14.57 -3.58
CA ASP A 8 18.78 -13.64 -2.85
C ASP A 8 19.17 -12.20 -3.11
N LYS A 9 20.44 -11.94 -3.46
CA LYS A 9 20.82 -10.58 -3.85
C LYS A 9 20.19 -10.19 -5.17
N ALA A 10 20.13 -11.12 -6.13
CA ALA A 10 19.42 -10.84 -7.36
C ALA A 10 17.91 -10.81 -7.14
N ALA A 11 17.43 -11.53 -6.13
CA ALA A 11 16.01 -11.48 -5.78
C ALA A 11 15.63 -10.12 -5.19
N VAL A 12 16.46 -9.55 -4.34
CA VAL A 12 16.16 -8.21 -3.83
C VAL A 12 16.43 -7.15 -4.88
N GLU A 13 17.30 -7.41 -5.87
CA GLU A 13 17.40 -6.52 -7.02
C GLU A 13 16.12 -6.52 -7.85
N ARG A 14 15.55 -7.70 -8.06
CA ARG A 14 14.27 -7.80 -8.75
C ARG A 14 13.15 -7.12 -7.97
N SER A 15 13.14 -7.27 -6.64
CA SER A 15 12.16 -6.59 -5.82
C SER A 15 12.36 -5.08 -5.83
N LYS A 16 13.60 -4.60 -5.94
CA LYS A 16 13.84 -3.16 -6.07
C LYS A 16 13.36 -2.63 -7.42
N MET A 17 13.54 -3.42 -8.48
CA MET A 17 12.99 -3.05 -9.78
C MET A 17 11.46 -3.00 -9.76
N ILE A 18 10.85 -3.95 -9.05
CA ILE A 18 9.40 -3.99 -8.89
C ILE A 18 8.93 -2.79 -8.08
N ASP A 19 9.68 -2.42 -7.03
CA ASP A 19 9.40 -1.20 -6.26
C ASP A 19 9.46 0.05 -7.12
N ARG A 20 10.46 0.14 -8.00
CA ARG A 20 10.60 1.30 -8.89
C ARG A 20 9.45 1.37 -9.89
N ASN A 21 9.06 0.22 -10.45
CA ASN A 21 7.93 0.20 -11.38
C ASN A 21 6.61 0.53 -10.69
N LEU A 22 6.44 0.06 -9.45
CA LEU A 22 5.24 0.39 -8.68
C LEU A 22 5.19 1.88 -8.35
N ARG A 23 6.32 2.47 -8.01
CA ARG A 23 6.37 3.90 -7.73
C ARG A 23 6.07 4.72 -8.98
N GLU A 24 6.60 4.30 -10.14
CA GLU A 24 6.30 5.01 -11.38
C GLU A 24 4.83 4.85 -11.78
N ASP A 25 4.25 3.66 -11.55
CA ASP A 25 2.83 3.46 -11.84
C ASP A 25 1.95 4.28 -10.91
N GLY A 26 2.33 4.40 -9.64
CA GLY A 26 1.58 5.25 -8.73
C GLY A 26 1.68 6.71 -9.07
N GLU A 27 2.85 7.16 -9.54
CA GLU A 27 2.99 8.56 -9.96
C GLU A 27 2.22 8.82 -11.25
N LYS A 28 2.11 7.82 -12.13
CA LYS A 28 1.28 7.98 -13.32
C LYS A 28 -0.21 8.01 -12.96
N ALA A 29 -0.61 7.20 -11.96
CA ALA A 29 -2.02 7.16 -11.56
C ALA A 29 -2.42 8.33 -10.69
N ALA A 30 -1.47 8.99 -10.03
CA ALA A 30 -1.80 10.17 -9.23
C ALA A 30 -1.94 11.43 -10.07
N ARG A 31 -1.62 11.36 -11.36
CA ARG A 31 -1.85 12.48 -12.28
C ARG A 31 -3.27 12.50 -12.82
N GLU A 32 -4.05 11.44 -12.58
CA GLU A 32 -5.43 11.38 -13.00
C GLU A 32 -6.34 11.96 -11.92
N VAL A 33 -7.48 12.46 -12.35
CA VAL A 33 -8.52 12.94 -11.43
C VAL A 33 -9.65 11.93 -11.46
N LYS A 34 -9.95 11.36 -10.30
CA LYS A 34 -11.00 10.35 -10.19
C LYS A 34 -12.32 11.04 -9.86
N LEU A 35 -13.30 10.89 -10.74
CA LEU A 35 -14.63 11.42 -10.54
C LEU A 35 -15.62 10.27 -10.50
N LEU A 36 -16.69 10.43 -9.73
CA LEU A 36 -17.71 9.42 -9.59
C LEU A 36 -19.03 9.98 -10.09
N LEU A 37 -19.61 9.31 -11.09
CA LEU A 37 -20.94 9.65 -11.57
C LEU A 37 -21.98 8.96 -10.69
N LEU A 38 -22.88 9.75 -10.12
CA LEU A 38 -23.98 9.24 -9.33
C LEU A 38 -25.28 9.89 -9.79
N GLY A 39 -26.38 9.17 -9.62
CA GLY A 39 -27.66 9.68 -10.05
C GLY A 39 -28.71 8.59 -10.10
N ALA A 40 -29.91 8.99 -10.48
CA ALA A 40 -31.05 8.08 -10.53
C ALA A 40 -31.09 7.23 -11.79
N GLY A 41 -30.27 7.55 -12.80
CA GLY A 41 -30.24 6.77 -14.03
C GLY A 41 -30.92 7.45 -15.19
N GLU A 42 -32.05 8.10 -14.92
CA GLU A 42 -32.80 8.81 -15.94
C GLU A 42 -32.37 10.26 -16.09
N SER A 43 -31.30 10.67 -15.39
CA SER A 43 -30.84 12.05 -15.40
C SER A 43 -30.09 12.42 -16.67
N GLY A 44 -29.81 11.47 -17.55
CA GLY A 44 -29.05 11.77 -18.75
C GLY A 44 -27.56 11.92 -18.53
N LYS A 45 -27.00 11.21 -17.55
CA LYS A 45 -25.58 11.29 -17.26
C LYS A 45 -24.74 10.71 -18.40
N SER A 46 -25.30 9.79 -19.18
CA SER A 46 -24.66 9.32 -20.39
C SER A 46 -24.51 10.44 -21.41
N THR A 47 -25.47 11.38 -21.42
CA THR A 47 -25.31 12.61 -22.20
C THR A 47 -24.13 13.43 -21.70
N ILE A 48 -23.88 13.40 -20.39
CA ILE A 48 -22.66 13.96 -19.83
C ILE A 48 -21.43 13.24 -20.39
N VAL A 49 -21.53 11.92 -20.55
CA VAL A 49 -20.50 11.16 -21.26
C VAL A 49 -20.44 11.58 -22.72
N LYS A 50 -21.58 11.97 -23.31
CA LYS A 50 -21.57 12.55 -24.64
C LYS A 50 -20.95 13.94 -24.67
N GLN A 51 -20.88 14.63 -23.53
CA GLN A 51 -20.37 15.99 -23.49
C GLN A 51 -18.90 16.07 -23.10
N MET A 52 -18.37 15.07 -22.39
CA MET A 52 -16.96 15.09 -22.02
C MET A 52 -16.06 14.73 -23.18
N LYS A 53 -16.49 13.83 -24.06
CA LYS A 53 -15.69 13.41 -25.20
C LYS A 53 -15.72 14.47 -26.30
N THR A 180 -22.87 -7.02 -18.74
CA THR A 180 -21.81 -6.02 -18.86
C THR A 180 -21.11 -5.78 -17.53
N THR A 181 -20.04 -5.00 -17.57
CA THR A 181 -19.30 -4.67 -16.36
C THR A 181 -20.11 -3.71 -15.48
N GLY A 182 -19.94 -3.86 -14.16
CA GLY A 182 -20.66 -3.03 -13.22
C GLY A 182 -20.16 -1.60 -13.13
N ILE A 183 -18.94 -1.35 -13.58
CA ILE A 183 -18.34 -0.02 -13.55
C ILE A 183 -17.80 0.33 -14.94
N VAL A 184 -18.10 1.54 -15.39
CA VAL A 184 -17.58 2.06 -16.65
C VAL A 184 -16.69 3.24 -16.32
N GLU A 185 -15.47 3.24 -16.86
CA GLU A 185 -14.52 4.32 -16.66
C GLU A 185 -14.47 5.18 -17.92
N THR A 186 -14.70 6.48 -17.76
CA THR A 186 -14.72 7.43 -18.87
C THR A 186 -13.47 8.31 -18.75
N HIS A 187 -12.37 7.84 -19.31
CA HIS A 187 -11.14 8.61 -19.30
C HIS A 187 -11.21 9.71 -20.35
N PHE A 188 -10.95 10.95 -19.93
CA PHE A 188 -10.92 12.07 -20.84
C PHE A 188 -9.95 13.11 -20.30
N THR A 189 -9.70 14.14 -21.10
CA THR A 189 -8.73 15.16 -20.76
C THR A 189 -9.27 16.54 -21.12
N PHE A 190 -8.77 17.54 -20.40
CA PHE A 190 -9.12 18.94 -20.64
C PHE A 190 -8.04 19.81 -20.06
N LYS A 191 -7.34 20.57 -20.93
CA LYS A 191 -6.32 21.54 -20.56
C LYS A 191 -5.17 20.90 -19.77
N ASP A 192 -4.59 19.85 -20.39
CA ASP A 192 -3.43 19.11 -19.88
C ASP A 192 -3.70 18.48 -18.51
N LEU A 193 -4.95 18.14 -18.24
CA LEU A 193 -5.35 17.47 -17.02
C LEU A 193 -6.25 16.30 -17.39
N HIS A 194 -5.93 15.11 -16.89
CA HIS A 194 -6.64 13.89 -17.27
C HIS A 194 -7.62 13.51 -16.17
N PHE A 195 -8.87 13.30 -16.56
CA PHE A 195 -9.95 12.93 -15.65
C PHE A 195 -10.36 11.48 -15.92
N LYS A 196 -10.55 10.72 -14.84
CA LYS A 196 -11.14 9.39 -14.92
C LYS A 196 -12.51 9.47 -14.26
N MET A 197 -13.56 9.19 -15.03
CA MET A 197 -14.93 9.34 -14.57
C MET A 197 -15.55 7.95 -14.43
N PHE A 198 -15.99 7.62 -13.22
CA PHE A 198 -16.45 6.27 -12.89
C PHE A 198 -17.97 6.26 -12.81
N ASP A 199 -18.60 5.73 -13.86
CA ASP A 199 -20.04 5.50 -13.88
C ASP A 199 -20.30 4.14 -13.25
N VAL A 200 -20.94 4.12 -12.09
CA VAL A 200 -21.14 2.91 -11.32
C VAL A 200 -22.63 2.60 -11.13
N GLY A 201 -23.52 3.40 -11.70
CA GLY A 201 -24.95 3.24 -11.53
C GLY A 201 -25.58 2.05 -12.21
N ALA A 202 -24.81 1.29 -12.99
CA ALA A 202 -25.30 0.06 -13.61
C ALA A 202 -25.08 -1.17 -12.72
N GLN A 203 -24.57 -0.98 -11.50
CA GLN A 203 -24.34 -2.09 -10.59
C GLN A 203 -25.66 -2.68 -10.10
N ARG A 204 -26.57 -1.82 -9.64
CA ARG A 204 -27.89 -2.18 -9.09
C ARG A 204 -27.79 -3.17 -7.94
N SER A 205 -26.78 -2.99 -7.09
CA SER A 205 -26.60 -3.78 -5.88
C SER A 205 -26.80 -2.88 -4.67
N GLU A 206 -26.55 -3.42 -3.48
CA GLU A 206 -26.60 -2.61 -2.27
C GLU A 206 -25.39 -1.67 -2.25
N ARG A 207 -25.67 -0.37 -2.18
CA ARG A 207 -24.62 0.64 -2.30
C ARG A 207 -23.75 0.73 -1.05
N LYS A 208 -24.19 0.15 0.07
CA LYS A 208 -23.46 0.29 1.33
C LYS A 208 -22.13 -0.48 1.31
N LYS A 209 -22.06 -1.57 0.55
CA LYS A 209 -20.91 -2.47 0.64
C LYS A 209 -19.82 -2.19 -0.37
N TRP A 210 -20.02 -1.27 -1.31
CA TRP A 210 -18.97 -0.99 -2.28
C TRP A 210 -18.76 0.50 -2.56
N ILE A 211 -19.43 1.39 -1.82
CA ILE A 211 -19.19 2.81 -2.07
C ILE A 211 -17.92 3.28 -1.36
N HIS A 212 -17.44 2.53 -0.37
CA HIS A 212 -16.19 2.87 0.30
C HIS A 212 -14.97 2.59 -0.56
N CYS A 213 -15.14 1.89 -1.68
CA CYS A 213 -14.10 1.83 -2.70
C CYS A 213 -13.83 3.20 -3.29
N PHE A 214 -14.85 4.06 -3.35
CA PHE A 214 -14.73 5.36 -3.97
C PHE A 214 -14.46 6.47 -2.96
N GLU A 215 -14.19 6.13 -1.71
CA GLU A 215 -13.70 7.12 -0.76
C GLU A 215 -12.29 7.52 -1.16
N GLY A 216 -12.12 8.80 -1.51
CA GLY A 216 -10.87 9.28 -2.06
C GLY A 216 -10.96 9.75 -3.49
N VAL A 217 -12.16 9.77 -4.08
CA VAL A 217 -12.32 10.45 -5.36
C VAL A 217 -12.20 11.95 -5.15
N THR A 218 -11.81 12.64 -6.22
CA THR A 218 -11.62 14.08 -6.12
C THR A 218 -12.96 14.81 -5.96
N ALA A 219 -13.95 14.40 -6.74
CA ALA A 219 -15.29 14.97 -6.64
C ALA A 219 -16.31 13.96 -7.09
N ILE A 220 -17.57 14.23 -6.76
CA ILE A 220 -18.69 13.40 -7.16
C ILE A 220 -19.54 14.23 -8.12
N ILE A 221 -19.84 13.67 -9.27
CA ILE A 221 -20.64 14.36 -10.27
C ILE A 221 -22.04 13.79 -10.21
N PHE A 222 -22.89 14.44 -9.42
CA PHE A 222 -24.29 14.04 -9.30
C PHE A 222 -25.11 14.72 -10.38
N CYS A 223 -25.85 13.92 -11.14
CA CYS A 223 -26.66 14.41 -12.25
C CYS A 223 -28.13 14.37 -11.86
N VAL A 224 -28.84 15.47 -12.11
CA VAL A 224 -30.25 15.61 -11.78
C VAL A 224 -30.99 16.06 -13.03
N ALA A 225 -32.04 15.32 -13.39
CA ALA A 225 -32.91 15.72 -14.50
C ALA A 225 -33.86 16.80 -14.02
N LEU A 226 -33.73 18.01 -14.57
CA LEU A 226 -34.62 19.10 -14.19
C LEU A 226 -36.03 18.90 -14.74
N SER A 227 -36.15 18.24 -15.90
CA SER A 227 -37.44 18.04 -16.54
C SER A 227 -38.30 17.00 -15.83
N ASP A 228 -37.74 16.22 -14.91
CA ASP A 228 -38.48 15.18 -14.20
C ASP A 228 -39.03 15.65 -12.87
N TYR A 229 -39.37 16.95 -12.76
CA TYR A 229 -39.97 17.45 -11.53
C TYR A 229 -41.40 16.95 -11.36
N ASP A 230 -42.13 16.78 -12.46
CA ASP A 230 -43.51 16.31 -12.41
C ASP A 230 -43.66 14.87 -12.86
N LEU A 231 -42.67 14.33 -13.57
CA LEU A 231 -42.72 12.93 -13.98
C LEU A 231 -42.55 12.02 -12.77
N VAL A 232 -43.37 10.97 -12.70
CA VAL A 232 -43.35 10.04 -11.60
C VAL A 232 -42.93 8.67 -12.11
N LEU A 233 -42.49 7.82 -11.18
CA LEU A 233 -42.31 6.40 -11.44
C LEU A 233 -43.22 5.65 -10.48
N ALA A 234 -44.08 4.80 -11.03
CA ALA A 234 -45.07 4.07 -10.25
C ALA A 234 -44.68 2.61 -10.02
N GLU A 235 -43.49 2.20 -10.45
CA GLU A 235 -43.07 0.82 -10.26
C GLU A 235 -42.77 0.52 -8.80
N ASP A 236 -41.98 1.37 -8.15
CA ASP A 236 -41.56 1.08 -6.77
C ASP A 236 -42.59 1.53 -5.74
N GLU A 237 -42.80 2.85 -5.63
CA GLU A 237 -43.64 3.37 -4.56
C GLU A 237 -44.49 4.56 -4.96
N GLU A 238 -44.68 4.80 -6.27
CA GLU A 238 -45.56 5.78 -6.92
C GLU A 238 -45.04 7.23 -6.76
N MET A 239 -44.01 7.46 -5.95
CA MET A 239 -43.48 8.79 -5.73
C MET A 239 -42.71 9.29 -6.96
N ASN A 240 -42.58 10.61 -7.07
CA ASN A 240 -41.91 11.22 -8.20
C ASN A 240 -40.40 11.02 -8.14
N ARG A 241 -39.75 11.23 -9.29
CA ARG A 241 -38.33 10.93 -9.43
C ARG A 241 -37.45 11.97 -8.74
N MET A 242 -37.92 13.21 -8.59
CA MET A 242 -37.09 14.25 -7.99
C MET A 242 -36.91 14.03 -6.49
N HIS A 243 -37.92 13.48 -5.81
CA HIS A 243 -37.75 13.12 -4.41
C HIS A 243 -36.78 11.95 -4.25
N GLU A 244 -36.78 11.02 -5.22
CA GLU A 244 -35.81 9.94 -5.22
C GLU A 244 -34.39 10.48 -5.43
N SER A 245 -34.24 11.45 -6.33
CA SER A 245 -32.94 12.08 -6.55
C SER A 245 -32.47 12.86 -5.32
N MET A 246 -33.40 13.53 -4.64
CA MET A 246 -33.06 14.24 -3.41
C MET A 246 -32.71 13.28 -2.29
N LYS A 247 -33.37 12.12 -2.23
CA LYS A 247 -33.00 11.09 -1.26
C LYS A 247 -31.62 10.53 -1.54
N LEU A 248 -31.29 10.33 -2.83
CA LEU A 248 -29.94 9.87 -3.18
C LEU A 248 -28.89 10.93 -2.87
N PHE A 249 -29.22 12.21 -3.07
CA PHE A 249 -28.31 13.29 -2.71
C PHE A 249 -28.10 13.38 -1.21
N ASP A 250 -29.16 13.17 -0.43
CA ASP A 250 -29.02 13.15 1.03
C ASP A 250 -28.25 11.92 1.49
N SER A 251 -28.32 10.82 0.74
CA SER A 251 -27.56 9.62 1.09
C SER A 251 -26.07 9.79 0.79
N ILE A 252 -25.73 10.36 -0.37
CA ILE A 252 -24.32 10.45 -0.75
C ILE A 252 -23.63 11.70 -0.22
N CYS A 253 -24.37 12.77 0.08
CA CYS A 253 -23.77 13.97 0.62
C CYS A 253 -23.40 13.79 2.08
N ASN A 254 -24.30 13.14 2.83
CA ASN A 254 -24.10 12.89 4.25
C ASN A 254 -23.57 11.48 4.52
N ASN A 255 -22.90 10.88 3.54
CA ASN A 255 -22.27 9.59 3.75
C ASN A 255 -21.03 9.75 4.62
N LYS A 256 -20.64 8.67 5.28
CA LYS A 256 -19.47 8.72 6.15
C LYS A 256 -18.17 8.66 5.38
N TRP A 257 -18.19 8.21 4.13
CA TRP A 257 -16.99 8.16 3.31
C TRP A 257 -16.79 9.44 2.52
N PHE A 258 -17.86 10.03 2.05
CA PHE A 258 -17.80 11.32 1.35
C PHE A 258 -18.06 12.46 2.33
N THR A 259 -17.23 12.52 3.37
CA THR A 259 -17.33 13.59 4.35
C THR A 259 -16.73 14.88 3.79
N ASP A 260 -15.65 14.76 3.01
CA ASP A 260 -14.91 15.92 2.54
C ASP A 260 -14.59 15.82 1.05
N THR A 261 -15.40 15.09 0.29
CA THR A 261 -15.31 15.09 -1.17
C THR A 261 -16.44 15.95 -1.72
N SER A 262 -16.09 17.03 -2.42
CA SER A 262 -17.08 17.97 -2.89
C SER A 262 -17.89 17.37 -4.03
N ILE A 263 -19.04 17.97 -4.29
CA ILE A 263 -20.01 17.45 -5.23
C ILE A 263 -20.14 18.45 -6.38
N ILE A 264 -19.92 17.96 -7.61
CA ILE A 264 -20.16 18.78 -8.80
C ILE A 264 -21.57 18.44 -9.26
N LEU A 265 -22.54 19.18 -8.76
CA LEU A 265 -23.94 18.89 -9.04
C LEU A 265 -24.33 19.46 -10.40
N PHE A 266 -24.88 18.62 -11.26
CA PHE A 266 -25.28 19.00 -12.61
C PHE A 266 -26.79 18.87 -12.76
N LEU A 267 -27.40 19.89 -13.33
CA LEU A 267 -28.85 19.92 -13.55
C LEU A 267 -29.10 19.90 -15.06
N ASN A 268 -29.36 18.70 -15.58
CA ASN A 268 -29.52 18.51 -17.02
C ASN A 268 -30.98 18.72 -17.44
N LYS A 269 -31.17 18.83 -18.76
CA LYS A 269 -32.47 19.02 -19.41
C LYS A 269 -33.18 20.27 -18.91
N LYS A 270 -32.49 21.42 -18.98
CA LYS A 270 -33.08 22.67 -18.55
C LYS A 270 -34.08 23.23 -19.55
N ASP A 271 -33.85 23.00 -20.84
CA ASP A 271 -34.78 23.49 -21.87
C ASP A 271 -36.09 22.72 -21.84
N LEU A 272 -36.01 21.40 -21.65
CA LEU A 272 -37.22 20.59 -21.50
C LEU A 272 -37.96 20.94 -20.22
N PHE A 273 -37.22 21.25 -19.14
CA PHE A 273 -37.83 21.70 -17.90
C PHE A 273 -38.54 23.05 -18.08
N GLU A 274 -37.94 23.96 -18.85
CA GLU A 274 -38.58 25.24 -19.14
C GLU A 274 -39.83 25.07 -19.98
N GLU A 275 -39.77 24.20 -21.00
CA GLU A 275 -40.93 23.96 -21.86
C GLU A 275 -42.04 23.22 -21.11
N LYS A 276 -41.69 22.46 -20.08
CA LYS A 276 -42.71 21.79 -19.27
C LYS A 276 -43.24 22.68 -18.15
N ILE A 277 -42.46 23.65 -17.66
CA ILE A 277 -42.96 24.54 -16.62
C ILE A 277 -43.71 25.71 -17.25
N LYS A 278 -43.61 25.89 -18.57
CA LYS A 278 -44.51 26.80 -19.26
C LYS A 278 -45.97 26.37 -19.18
N LYS A 279 -46.24 25.08 -18.95
CA LYS A 279 -47.59 24.58 -18.75
C LYS A 279 -47.84 24.06 -17.34
N SER A 280 -47.02 23.12 -16.86
CA SER A 280 -47.24 22.49 -15.57
C SER A 280 -46.39 23.16 -14.50
N PRO A 281 -46.98 23.71 -13.44
CA PRO A 281 -46.20 24.45 -12.44
C PRO A 281 -45.38 23.53 -11.55
N LEU A 282 -44.49 24.15 -10.77
CA LEU A 282 -43.55 23.45 -9.90
C LEU A 282 -44.21 22.85 -8.67
N THR A 283 -45.46 23.24 -8.36
CA THR A 283 -46.12 22.82 -7.13
C THR A 283 -46.50 21.34 -7.09
N ILE A 284 -46.37 20.62 -8.21
CA ILE A 284 -46.60 19.19 -8.21
C ILE A 284 -45.56 18.47 -7.36
N CYS A 285 -44.29 18.86 -7.47
CA CYS A 285 -43.23 18.23 -6.69
C CYS A 285 -43.17 18.80 -5.28
N TYR A 286 -42.89 20.08 -5.16
CA TYR A 286 -42.76 20.73 -3.86
C TYR A 286 -44.14 21.19 -3.38
N PRO A 287 -44.60 20.79 -2.20
CA PRO A 287 -45.92 21.23 -1.73
C PRO A 287 -45.96 22.68 -1.30
N GLU A 288 -44.82 23.30 -1.01
CA GLU A 288 -44.75 24.69 -0.56
C GLU A 288 -43.76 25.43 -1.45
N TYR A 289 -44.26 25.97 -2.57
CA TYR A 289 -43.45 26.77 -3.49
C TYR A 289 -44.17 28.11 -3.68
N ALA A 290 -43.68 29.14 -3.01
CA ALA A 290 -44.28 30.48 -3.09
C ALA A 290 -43.56 31.29 -4.16
N GLY A 291 -43.74 30.85 -5.42
CA GLY A 291 -43.14 31.52 -6.55
C GLY A 291 -43.97 31.31 -7.80
N SER A 292 -43.59 32.04 -8.84
CA SER A 292 -44.28 31.99 -10.12
C SER A 292 -43.70 30.87 -10.97
N ASN A 293 -44.12 30.79 -12.23
CA ASN A 293 -43.64 29.78 -13.17
C ASN A 293 -42.44 30.27 -13.98
N THR A 294 -41.68 31.23 -13.45
CA THR A 294 -40.45 31.67 -14.10
C THR A 294 -39.41 30.56 -14.01
N TYR A 295 -38.69 30.34 -15.12
CA TYR A 295 -37.67 29.29 -15.17
C TYR A 295 -36.50 29.61 -14.22
N GLU A 296 -36.11 30.89 -14.15
CA GLU A 296 -34.95 31.26 -13.33
C GLU A 296 -35.23 31.12 -11.85
N GLU A 297 -36.40 31.59 -11.39
CA GLU A 297 -36.75 31.51 -9.97
C GLU A 297 -36.97 30.07 -9.53
N ALA A 298 -37.62 29.26 -10.37
CA ALA A 298 -37.82 27.85 -10.04
C ALA A 298 -36.51 27.07 -10.07
N ALA A 299 -35.62 27.41 -11.01
CA ALA A 299 -34.30 26.80 -11.04
C ALA A 299 -33.47 27.15 -9.81
N ALA A 300 -33.56 28.41 -9.37
CA ALA A 300 -32.88 28.82 -8.14
C ALA A 300 -33.47 28.12 -6.92
N TYR A 301 -34.79 27.92 -6.90
CA TYR A 301 -35.44 27.20 -5.81
C TYR A 301 -35.01 25.74 -5.77
N ILE A 302 -34.91 25.10 -6.94
CA ILE A 302 -34.47 23.70 -7.02
C ILE A 302 -33.00 23.58 -6.60
N GLN A 303 -32.17 24.55 -7.03
CA GLN A 303 -30.76 24.56 -6.64
C GLN A 303 -30.59 24.75 -5.13
N CYS A 304 -31.39 25.64 -4.53
CA CYS A 304 -31.33 25.84 -3.09
C CYS A 304 -31.89 24.65 -2.33
N GLN A 305 -32.86 23.94 -2.91
CA GLN A 305 -33.37 22.73 -2.26
C GLN A 305 -32.35 21.60 -2.30
N PHE A 306 -31.63 21.47 -3.42
CA PHE A 306 -30.60 20.43 -3.51
C PHE A 306 -29.36 20.79 -2.69
N GLU A 307 -29.06 22.08 -2.56
CA GLU A 307 -27.91 22.51 -1.77
C GLU A 307 -28.17 22.38 -0.28
N ASP A 308 -29.42 22.52 0.16
CA ASP A 308 -29.74 22.47 1.58
C ASP A 308 -29.78 21.04 2.13
N LEU A 309 -29.66 20.03 1.28
CA LEU A 309 -29.47 18.66 1.75
C LEU A 309 -28.07 18.43 2.29
N ASN A 310 -27.13 19.34 2.03
CA ASN A 310 -25.79 19.26 2.57
C ASN A 310 -25.84 19.56 4.06
N LYS A 311 -25.57 18.56 4.89
CA LYS A 311 -25.39 18.77 6.32
C LYS A 311 -23.92 18.96 6.68
N ARG A 312 -23.02 18.93 5.69
CA ARG A 312 -21.60 19.04 5.94
C ARG A 312 -21.02 20.24 5.20
N LYS A 313 -21.69 21.40 5.31
CA LYS A 313 -21.31 22.58 4.52
C LYS A 313 -19.97 23.17 4.92
N ASP A 314 -19.47 22.87 6.12
CA ASP A 314 -18.16 23.37 6.52
C ASP A 314 -17.01 22.63 5.83
N THR A 315 -17.13 21.31 5.68
CA THR A 315 -16.08 20.49 5.09
C THR A 315 -16.35 20.10 3.64
N LYS A 316 -17.37 20.67 3.01
CA LYS A 316 -17.77 20.26 1.68
C LYS A 316 -18.51 21.40 0.99
N GLU A 317 -18.18 21.62 -0.28
CA GLU A 317 -18.94 22.53 -1.13
C GLU A 317 -19.69 21.73 -2.19
N ILE A 318 -20.69 22.37 -2.78
CA ILE A 318 -21.47 21.81 -3.87
C ILE A 318 -21.39 22.79 -5.04
N TYR A 319 -20.97 22.29 -6.20
CA TYR A 319 -20.78 23.11 -7.39
C TYR A 319 -21.94 22.83 -8.33
N THR A 320 -22.80 23.82 -8.51
CA THR A 320 -24.05 23.66 -9.26
C THR A 320 -23.92 24.32 -10.62
N HIS A 321 -24.30 23.59 -11.66
CA HIS A 321 -24.26 24.10 -13.02
C HIS A 321 -25.51 23.63 -13.77
N PHE A 322 -25.89 24.40 -14.79
CA PHE A 322 -27.00 24.04 -15.66
C PHE A 322 -26.43 23.56 -16.99
N THR A 323 -26.76 22.32 -17.34
CA THR A 323 -26.18 21.69 -18.52
C THR A 323 -26.81 22.25 -19.79
N CYS A 324 -25.98 22.81 -20.66
CA CYS A 324 -26.41 23.38 -21.92
C CYS A 324 -25.79 22.60 -23.08
N SER A 325 -26.18 22.97 -24.29
CA SER A 325 -25.68 22.34 -25.50
C SER A 325 -24.39 22.96 -26.01
N THR A 326 -23.86 23.96 -25.33
CA THR A 326 -22.62 24.60 -25.76
C THR A 326 -21.44 23.67 -25.50
N ASP A 327 -20.61 23.49 -26.52
CA ASP A 327 -19.46 22.61 -26.41
C ASP A 327 -18.37 23.24 -25.56
N THR A 328 -17.61 22.36 -24.87
CA THR A 328 -16.49 22.70 -23.99
C THR A 328 -16.88 23.70 -22.90
N LYS A 329 -18.06 23.50 -22.32
CA LYS A 329 -18.50 24.34 -21.21
C LYS A 329 -18.86 23.53 -19.97
N ASN A 330 -19.50 22.36 -20.14
CA ASN A 330 -19.69 21.47 -18.99
C ASN A 330 -18.37 20.89 -18.52
N VAL A 331 -17.50 20.51 -19.46
CA VAL A 331 -16.17 20.05 -19.10
C VAL A 331 -15.33 21.23 -18.59
N GLN A 332 -15.64 22.44 -19.03
CA GLN A 332 -14.99 23.62 -18.47
C GLN A 332 -15.42 23.86 -17.03
N PHE A 333 -16.68 23.57 -16.72
CA PHE A 333 -17.14 23.67 -15.34
C PHE A 333 -16.52 22.60 -14.47
N VAL A 334 -16.39 21.38 -15.00
CA VAL A 334 -15.77 20.30 -14.22
C VAL A 334 -14.30 20.61 -13.97
N PHE A 335 -13.61 21.14 -14.98
CA PHE A 335 -12.20 21.51 -14.84
C PHE A 335 -12.02 22.64 -13.84
N ASP A 336 -12.92 23.62 -13.83
CA ASP A 336 -12.82 24.72 -12.89
C ASP A 336 -13.22 24.30 -11.48
N ALA A 337 -14.14 23.36 -11.35
CA ALA A 337 -14.50 22.85 -10.03
C ALA A 337 -13.41 21.95 -9.46
N VAL A 338 -12.79 21.13 -10.30
CA VAL A 338 -11.78 20.18 -9.83
C VAL A 338 -10.49 20.90 -9.43
N THR A 339 -10.12 21.98 -10.14
CA THR A 339 -8.97 22.78 -9.74
C THR A 339 -9.20 23.45 -8.40
N ASP A 340 -10.43 23.88 -8.13
CA ASP A 340 -10.74 24.53 -6.85
C ASP A 340 -10.69 23.52 -5.70
N VAL A 341 -11.21 22.31 -5.90
CA VAL A 341 -11.18 21.34 -4.80
C VAL A 341 -9.77 20.80 -4.60
N ILE A 342 -8.95 20.75 -5.65
CA ILE A 342 -7.56 20.32 -5.48
C ILE A 342 -6.77 21.38 -4.75
N ILE A 343 -6.98 22.66 -5.08
CA ILE A 343 -6.33 23.76 -4.39
C ILE A 343 -6.75 23.81 -2.92
N LYS A 344 -8.04 23.64 -2.65
CA LYS A 344 -8.53 23.70 -1.27
C LYS A 344 -8.08 22.48 -0.46
N ASN A 345 -8.02 21.30 -1.09
CA ASN A 345 -7.55 20.12 -0.39
C ASN A 345 -6.05 20.18 -0.12
N ASN A 346 -5.28 20.78 -1.02
CA ASN A 346 -3.86 20.99 -0.76
C ASN A 346 -3.64 22.00 0.35
N LEU A 347 -4.45 23.05 0.37
CA LEU A 347 -4.36 24.05 1.42
C LEU A 347 -4.81 23.50 2.77
N LYS A 348 -5.70 22.51 2.76
CA LYS A 348 -6.05 21.80 3.99
C LYS A 348 -4.92 20.87 4.42
N ASP A 349 -4.30 20.18 3.46
CA ASP A 349 -3.30 19.17 3.76
C ASP A 349 -1.98 19.77 4.22
N CYS A 350 -1.63 20.95 3.72
CA CYS A 350 -0.39 21.61 4.11
C CYS A 350 -0.54 22.46 5.37
N GLY A 351 -1.68 22.38 6.04
CA GLY A 351 -1.89 23.09 7.28
C GLY A 351 -2.26 24.54 7.15
N LEU A 352 -2.45 25.04 5.92
CA LEU A 352 -2.74 26.45 5.73
C LEU A 352 -4.19 26.78 6.08
N PHE A 353 -5.09 25.81 5.88
CA PHE A 353 -6.45 25.91 6.41
C PHE A 353 -6.59 25.02 7.63
N SER B 20 -53.19 -15.15 -1.73
CA SER B 20 -54.01 -16.15 -1.05
C SER B 20 -53.43 -17.55 -1.25
N GLU B 21 -52.97 -17.83 -2.47
CA GLU B 21 -52.39 -19.13 -2.77
C GLU B 21 -51.02 -19.29 -2.11
N LEU B 22 -50.20 -18.24 -2.13
CA LEU B 22 -48.89 -18.30 -1.51
C LEU B 22 -48.95 -18.18 0.01
N ASP B 23 -49.91 -17.40 0.52
CA ASP B 23 -49.97 -17.07 1.94
C ASP B 23 -50.21 -18.31 2.81
N GLN B 24 -51.11 -19.20 2.37
CA GLN B 24 -51.28 -20.47 3.06
C GLN B 24 -50.04 -21.34 2.99
N LEU B 25 -49.27 -21.22 1.89
CA LEU B 25 -47.96 -21.84 1.83
C LEU B 25 -47.04 -21.26 2.90
N ARG B 26 -47.15 -19.94 3.14
CA ARG B 26 -46.46 -19.33 4.27
C ARG B 26 -46.92 -19.92 5.59
N GLN B 27 -48.21 -20.28 5.68
CA GLN B 27 -48.74 -20.99 6.83
C GLN B 27 -48.05 -22.33 7.03
N GLU B 28 -47.67 -22.99 5.94
CA GLU B 28 -46.77 -24.12 6.06
C GLU B 28 -45.36 -23.67 6.41
N ALA B 29 -44.86 -22.66 5.69
CA ALA B 29 -43.40 -22.44 5.58
C ALA B 29 -42.81 -21.97 6.89
N GLU B 30 -43.41 -20.95 7.50
CA GLU B 30 -42.97 -20.48 8.82
C GLU B 30 -43.16 -21.57 9.87
N GLN B 31 -44.22 -22.38 9.72
CA GLN B 31 -44.40 -23.53 10.60
C GLN B 31 -43.26 -24.52 10.43
N LEU B 32 -42.79 -24.71 9.18
CA LEU B 32 -41.60 -25.50 8.93
C LEU B 32 -40.40 -24.89 9.63
N LYS B 33 -40.30 -23.55 9.60
CA LYS B 33 -39.26 -22.85 10.35
C LYS B 33 -39.42 -23.10 11.85
N ASN B 34 -40.67 -23.13 12.32
CA ASN B 34 -40.92 -23.49 13.71
C ASN B 34 -40.52 -24.92 14.00
N GLN B 35 -40.69 -25.82 13.01
CA GLN B 35 -40.17 -27.17 13.15
C GLN B 35 -38.67 -27.17 13.25
N ILE B 36 -38.01 -26.29 12.48
CA ILE B 36 -36.57 -26.07 12.62
C ILE B 36 -36.28 -25.51 14.00
N ARG B 37 -37.14 -24.61 14.49
CA ARG B 37 -37.04 -24.15 15.87
C ARG B 37 -37.31 -25.29 16.84
N ASP B 38 -38.24 -26.19 16.48
CA ASP B 38 -38.41 -27.42 17.26
C ASP B 38 -37.18 -28.30 17.16
N ALA B 39 -36.49 -28.27 16.01
CA ALA B 39 -35.21 -28.93 15.89
C ALA B 39 -34.16 -28.30 16.79
N ARG B 40 -34.29 -26.99 17.07
CA ARG B 40 -33.43 -26.36 18.07
C ARG B 40 -33.69 -26.94 19.45
N LYS B 41 -34.93 -27.35 19.73
CA LYS B 41 -35.23 -28.03 20.98
C LYS B 41 -34.67 -29.44 20.99
N ALA B 42 -34.31 -29.97 19.80
CA ALA B 42 -33.56 -31.22 19.74
C ALA B 42 -32.11 -31.02 20.17
N CYS B 43 -31.62 -29.79 20.18
CA CYS B 43 -30.24 -29.48 20.56
C CYS B 43 -30.20 -28.30 21.52
N ALA B 44 -31.04 -28.34 22.55
CA ALA B 44 -31.11 -27.30 23.56
C ALA B 44 -30.73 -27.82 24.94
N ASP B 45 -29.89 -28.86 25.00
CA ASP B 45 -29.51 -29.44 26.28
C ASP B 45 -28.52 -28.57 27.04
N ALA B 46 -27.53 -28.02 26.34
CA ALA B 46 -26.50 -27.19 26.98
C ALA B 46 -25.92 -26.24 25.93
N THR B 47 -24.98 -25.43 26.37
CA THR B 47 -24.29 -24.46 25.53
C THR B 47 -22.81 -24.81 25.46
N LEU B 48 -22.07 -24.05 24.64
CA LEU B 48 -20.64 -24.28 24.52
C LEU B 48 -19.88 -23.79 25.75
N SER B 49 -20.41 -22.78 26.44
CA SER B 49 -19.73 -22.27 27.63
C SER B 49 -19.86 -23.22 28.81
N GLN B 50 -20.94 -24.01 28.87
CA GLN B 50 -21.13 -24.92 30.00
C GLN B 50 -20.19 -26.12 29.91
N ILE B 51 -19.98 -26.65 28.70
CA ILE B 51 -19.07 -27.78 28.53
C ILE B 51 -17.62 -27.35 28.74
N THR B 52 -17.27 -26.16 28.27
CA THR B 52 -15.90 -25.67 28.33
C THR B 52 -15.60 -24.90 29.62
N ASN B 53 -16.36 -25.16 30.68
CA ASN B 53 -16.03 -24.58 31.97
C ASN B 53 -14.85 -25.32 32.62
N ASN B 54 -14.29 -24.70 33.66
CA ASN B 54 -13.11 -25.10 34.44
C ASN B 54 -11.96 -25.65 33.60
N ILE B 55 -11.70 -25.03 32.46
CA ILE B 55 -10.61 -25.43 31.57
C ILE B 55 -9.54 -24.34 31.65
N ASP B 56 -8.30 -24.72 31.33
CA ASP B 56 -7.19 -23.78 31.40
C ASP B 56 -7.28 -22.79 30.24
N PRO B 57 -7.29 -21.48 30.51
CA PRO B 57 -7.37 -20.51 29.42
C PRO B 57 -6.06 -20.38 28.67
N VAL B 58 -6.14 -19.76 27.49
CA VAL B 58 -4.94 -19.53 26.68
C VAL B 58 -4.06 -18.47 27.34
N GLY B 59 -4.65 -17.51 28.06
CA GLY B 59 -3.87 -16.50 28.74
C GLY B 59 -3.62 -15.28 27.90
N ARG B 60 -2.79 -14.40 28.47
CA ARG B 60 -2.45 -13.15 27.81
C ARG B 60 -1.49 -13.41 26.64
N ILE B 61 -1.81 -12.83 25.49
CA ILE B 61 -1.07 -13.07 24.25
C ILE B 61 -0.50 -11.74 23.77
N GLN B 62 0.82 -11.67 23.66
CA GLN B 62 1.53 -10.55 23.05
C GLN B 62 2.25 -11.07 21.82
N MET B 63 1.58 -11.06 20.67
CA MET B 63 2.23 -11.39 19.42
C MET B 63 2.54 -10.10 18.67
N ARG B 64 3.77 -10.02 18.16
CA ARG B 64 4.33 -8.78 17.66
C ARG B 64 4.38 -8.86 16.14
N THR B 65 4.23 -7.70 15.48
CA THR B 65 4.48 -7.64 14.06
C THR B 65 5.96 -7.87 13.77
N ARG B 66 6.24 -8.65 12.74
CA ARG B 66 7.60 -8.97 12.32
C ARG B 66 7.96 -8.31 11.01
N ARG B 67 7.13 -8.47 9.99
CA ARG B 67 7.32 -7.84 8.70
C ARG B 67 6.23 -6.81 8.48
N THR B 68 6.56 -5.77 7.71
CA THR B 68 5.58 -4.79 7.25
C THR B 68 5.76 -4.70 5.75
N LEU B 69 4.84 -5.30 5.02
CA LEU B 69 4.95 -5.43 3.57
C LEU B 69 4.47 -4.13 2.96
N ARG B 70 5.42 -3.25 2.62
CA ARG B 70 5.11 -1.87 2.24
C ARG B 70 5.42 -1.66 0.76
N GLY B 71 4.45 -1.98 -0.09
CA GLY B 71 4.60 -1.68 -1.49
C GLY B 71 3.34 -1.32 -2.25
N HIS B 72 2.20 -1.34 -1.57
CA HIS B 72 0.98 -0.87 -2.21
C HIS B 72 0.91 0.65 -2.07
N LEU B 73 0.01 1.26 -2.83
CA LEU B 73 -0.15 2.71 -2.78
C LEU B 73 -1.60 3.12 -2.57
N ALA B 74 -2.49 2.16 -2.38
CA ALA B 74 -3.88 2.42 -2.04
C ALA B 74 -4.27 1.42 -0.96
N LYS B 75 -5.58 1.28 -0.73
CA LYS B 75 -6.07 0.45 0.36
C LYS B 75 -6.24 -1.00 -0.09
N ILE B 76 -5.68 -1.91 0.71
CA ILE B 76 -5.68 -3.34 0.40
C ILE B 76 -7.03 -3.92 0.79
N TYR B 77 -7.68 -4.61 -0.16
CA TYR B 77 -8.96 -5.24 0.15
C TYR B 77 -8.87 -6.72 0.40
N ALA B 78 -7.82 -7.40 -0.04
CA ALA B 78 -7.76 -8.84 0.15
C ALA B 78 -6.31 -9.28 0.30
N MET B 79 -6.14 -10.42 0.93
CA MET B 79 -4.88 -11.15 0.89
C MET B 79 -5.19 -12.64 0.98
N HIS B 80 -4.22 -13.45 0.58
CA HIS B 80 -4.32 -14.89 0.75
C HIS B 80 -2.92 -15.47 0.90
N TRP B 81 -2.75 -16.36 1.87
CA TRP B 81 -1.49 -17.03 2.06
C TRP B 81 -1.33 -18.18 1.07
N GLY B 82 -0.08 -18.59 0.88
CA GLY B 82 0.19 -19.81 0.16
C GLY B 82 0.15 -21.03 1.06
N THR B 83 -0.01 -22.19 0.43
CA THR B 83 0.00 -23.44 1.20
C THR B 83 1.41 -23.84 1.63
N ASP B 84 2.45 -23.23 1.04
CA ASP B 84 3.81 -23.40 1.52
C ASP B 84 4.13 -22.47 2.66
N SER B 85 3.18 -21.61 3.06
CA SER B 85 3.24 -20.73 4.24
C SER B 85 4.35 -19.69 4.16
N ARG B 86 4.82 -19.40 2.97
CA ARG B 86 5.83 -18.37 2.77
C ARG B 86 5.40 -17.34 1.74
N LEU B 87 4.76 -17.76 0.66
CA LEU B 87 4.25 -16.81 -0.32
C LEU B 87 2.97 -16.17 0.20
N LEU B 88 2.74 -14.94 -0.23
CA LEU B 88 1.54 -14.21 0.11
C LEU B 88 1.10 -13.45 -1.14
N VAL B 89 -0.19 -13.21 -1.27
CA VAL B 89 -0.71 -12.43 -2.38
C VAL B 89 -1.55 -11.32 -1.78
N SER B 90 -1.61 -10.18 -2.46
CA SER B 90 -2.42 -9.08 -1.97
C SER B 90 -2.94 -8.27 -3.13
N ALA B 91 -4.15 -7.74 -2.97
CA ALA B 91 -4.79 -6.89 -3.96
C ALA B 91 -5.21 -5.61 -3.29
N SER B 92 -4.80 -4.48 -3.85
CA SER B 92 -5.21 -3.18 -3.33
C SER B 92 -6.09 -2.48 -4.35
N GLN B 93 -6.58 -1.31 -3.95
CA GLN B 93 -7.50 -0.54 -4.78
C GLN B 93 -6.79 0.27 -5.85
N ASP B 94 -5.46 0.26 -5.89
CA ASP B 94 -4.77 0.62 -7.10
C ASP B 94 -4.75 -0.57 -8.05
N GLY B 95 -4.24 -0.36 -9.25
CA GLY B 95 -4.35 -1.40 -10.27
C GLY B 95 -3.33 -2.52 -10.19
N LYS B 96 -2.78 -2.79 -9.01
CA LYS B 96 -1.70 -3.77 -8.88
C LYS B 96 -2.08 -4.84 -7.86
N LEU B 97 -1.53 -6.03 -8.09
CA LEU B 97 -1.70 -7.19 -7.23
C LEU B 97 -0.32 -7.78 -6.98
N ILE B 98 0.17 -7.72 -5.75
CA ILE B 98 1.56 -7.99 -5.44
C ILE B 98 1.67 -9.32 -4.74
N ILE B 99 2.59 -10.15 -5.19
CA ILE B 99 2.93 -11.42 -4.55
C ILE B 99 4.24 -11.24 -3.82
N TRP B 100 4.20 -11.49 -2.51
CA TRP B 100 5.27 -11.24 -1.57
C TRP B 100 5.88 -12.54 -1.09
N ASP B 101 7.19 -12.49 -0.87
CA ASP B 101 7.86 -13.41 0.01
C ASP B 101 7.75 -12.87 1.42
N SER B 102 7.29 -13.69 2.36
CA SER B 102 7.05 -13.20 3.72
C SER B 102 8.26 -13.37 4.62
N TYR B 103 9.11 -14.35 4.33
CA TYR B 103 10.31 -14.55 5.16
C TYR B 103 11.28 -13.40 4.95
N THR B 104 11.53 -13.05 3.70
CA THR B 104 12.15 -11.79 3.33
C THR B 104 11.04 -10.75 3.17
N THR B 105 11.31 -9.62 2.55
CA THR B 105 10.22 -8.69 2.30
C THR B 105 10.20 -8.47 0.79
N ASN B 106 10.35 -9.57 0.06
CA ASN B 106 10.65 -9.53 -1.36
C ASN B 106 9.38 -9.68 -2.17
N LYS B 107 9.12 -8.70 -3.03
CA LYS B 107 8.01 -8.78 -3.97
C LYS B 107 8.38 -9.78 -5.05
N VAL B 108 7.78 -10.97 -4.98
CA VAL B 108 8.04 -11.97 -6.00
C VAL B 108 7.42 -11.56 -7.32
N HIS B 109 6.21 -11.01 -7.28
CA HIS B 109 5.55 -10.55 -8.49
C HIS B 109 4.77 -9.28 -8.20
N ALA B 110 4.46 -8.53 -9.26
CA ALA B 110 3.50 -7.44 -9.20
C ALA B 110 2.75 -7.42 -10.52
N ILE B 111 1.44 -7.66 -10.47
CA ILE B 111 0.62 -7.83 -11.65
C ILE B 111 -0.20 -6.55 -11.84
N PRO B 112 -0.08 -5.86 -12.96
CA PRO B 112 -1.02 -4.76 -13.25
C PRO B 112 -2.39 -5.33 -13.63
N LEU B 113 -3.43 -4.76 -13.04
CA LEU B 113 -4.79 -5.24 -13.25
C LEU B 113 -5.51 -4.36 -14.27
N ARG B 114 -6.48 -4.98 -14.96
CA ARG B 114 -7.29 -4.23 -15.92
C ARG B 114 -8.20 -3.23 -15.22
N SER B 115 -8.75 -3.61 -14.06
CA SER B 115 -9.56 -2.72 -13.25
C SER B 115 -8.95 -2.64 -11.86
N SER B 116 -8.89 -1.44 -11.31
CA SER B 116 -8.32 -1.25 -9.98
C SER B 116 -9.32 -1.48 -8.86
N TRP B 117 -10.56 -1.84 -9.19
CA TRP B 117 -11.61 -2.04 -8.20
C TRP B 117 -11.72 -3.53 -7.92
N VAL B 118 -10.77 -4.04 -7.15
CA VAL B 118 -10.75 -5.43 -6.73
C VAL B 118 -10.99 -5.51 -5.23
N MET B 119 -11.93 -6.36 -4.85
CA MET B 119 -12.27 -6.58 -3.45
C MET B 119 -11.92 -7.97 -2.95
N THR B 120 -11.46 -8.85 -3.83
CA THR B 120 -11.12 -10.21 -3.43
C THR B 120 -9.90 -10.68 -4.21
N CYS B 121 -9.18 -11.64 -3.62
CA CYS B 121 -8.08 -12.30 -4.29
C CYS B 121 -7.89 -13.67 -3.64
N ALA B 122 -7.32 -14.59 -4.41
CA ALA B 122 -7.08 -15.95 -3.91
C ALA B 122 -5.76 -16.44 -4.45
N TYR B 123 -5.14 -17.35 -3.68
CA TYR B 123 -3.89 -17.99 -4.07
C TYR B 123 -4.18 -19.49 -4.19
N ALA B 124 -3.78 -20.08 -5.31
CA ALA B 124 -4.08 -21.48 -5.57
C ALA B 124 -3.28 -22.39 -4.65
N PRO B 125 -3.85 -23.53 -4.25
CA PRO B 125 -3.08 -24.51 -3.44
C PRO B 125 -1.88 -25.06 -4.17
N SER B 126 -1.95 -25.21 -5.49
CA SER B 126 -0.78 -25.63 -6.26
C SER B 126 0.22 -24.50 -6.43
N GLY B 127 -0.20 -23.24 -6.28
CA GLY B 127 0.70 -22.12 -6.36
C GLY B 127 1.00 -21.63 -7.76
N ASN B 128 0.33 -22.16 -8.78
CA ASN B 128 0.58 -21.74 -10.15
C ASN B 128 -0.33 -20.64 -10.63
N TYR B 129 -1.44 -20.38 -9.94
CA TYR B 129 -2.42 -19.40 -10.38
C TYR B 129 -2.83 -18.51 -9.23
N VAL B 130 -3.31 -17.31 -9.56
CA VAL B 130 -3.96 -16.43 -8.60
C VAL B 130 -5.27 -15.94 -9.22
N ALA B 131 -6.15 -15.46 -8.35
CA ALA B 131 -7.44 -14.95 -8.78
C ALA B 131 -7.65 -13.54 -8.25
N CYS B 132 -8.52 -12.79 -8.94
CA CYS B 132 -8.96 -11.49 -8.43
C CYS B 132 -10.34 -11.19 -8.99
N GLY B 133 -11.03 -10.27 -8.33
CA GLY B 133 -12.34 -9.86 -8.79
C GLY B 133 -12.83 -8.69 -7.96
N GLY B 134 -13.91 -8.08 -8.43
CA GLY B 134 -14.47 -6.91 -7.78
C GLY B 134 -15.64 -6.31 -8.50
N LEU B 135 -15.59 -4.99 -8.71
CA LEU B 135 -16.68 -4.27 -9.36
C LEU B 135 -16.73 -4.52 -10.87
N ASP B 136 -15.73 -5.16 -11.45
CA ASP B 136 -15.70 -5.46 -12.88
C ASP B 136 -16.43 -6.75 -13.24
N ASN B 137 -16.99 -7.46 -12.24
CA ASN B 137 -17.80 -8.67 -12.37
C ASN B 137 -17.04 -9.84 -12.99
N ILE B 138 -15.71 -9.80 -12.99
CA ILE B 138 -14.89 -10.80 -13.66
C ILE B 138 -13.90 -11.39 -12.65
N CYS B 139 -13.87 -12.71 -12.55
CA CYS B 139 -12.86 -13.41 -11.76
C CYS B 139 -11.68 -13.69 -12.66
N SER B 140 -10.74 -12.76 -12.72
CA SER B 140 -9.56 -12.93 -13.54
C SER B 140 -8.59 -13.89 -12.86
N ILE B 141 -8.16 -14.90 -13.60
CA ILE B 141 -7.17 -15.88 -13.17
C ILE B 141 -5.88 -15.59 -13.92
N TYR B 142 -4.79 -15.43 -13.17
CA TYR B 142 -3.47 -15.13 -13.71
C TYR B 142 -2.57 -16.33 -13.47
N ASN B 143 -1.90 -16.78 -14.52
CA ASN B 143 -0.97 -17.90 -14.43
C ASN B 143 0.40 -17.39 -14.01
N LEU B 144 0.90 -17.87 -12.88
CA LEU B 144 2.18 -17.39 -12.36
C LEU B 144 3.35 -18.10 -13.04
N LYS B 145 3.40 -19.42 -12.93
CA LYS B 145 4.50 -20.20 -13.46
C LYS B 145 4.28 -20.41 -14.95
N THR B 146 5.17 -19.82 -15.76
CA THR B 146 5.06 -19.91 -17.21
C THR B 146 6.43 -19.80 -17.83
N ARG B 147 6.54 -20.24 -19.09
CA ARG B 147 7.81 -20.21 -19.80
C ARG B 147 8.20 -18.82 -20.26
N GLU B 148 7.24 -17.90 -20.38
CA GLU B 148 7.55 -16.55 -20.83
C GLU B 148 8.25 -15.73 -19.76
N GLY B 149 8.05 -16.08 -18.49
CA GLY B 149 8.68 -15.40 -17.38
C GLY B 149 7.88 -14.26 -16.78
N ASN B 150 6.79 -13.85 -17.41
CA ASN B 150 5.95 -12.79 -16.90
C ASN B 150 4.52 -13.31 -16.71
N VAL B 151 3.84 -12.75 -15.73
CA VAL B 151 2.49 -13.20 -15.39
C VAL B 151 1.51 -12.68 -16.44
N ARG B 152 0.75 -13.59 -17.03
CA ARG B 152 -0.24 -13.26 -18.05
C ARG B 152 -1.62 -13.67 -17.56
N VAL B 153 -2.65 -13.10 -18.21
CA VAL B 153 -4.04 -13.38 -17.85
C VAL B 153 -4.37 -14.78 -18.36
N SER B 154 -4.51 -15.73 -17.44
CA SER B 154 -4.79 -17.10 -17.83
C SER B 154 -6.24 -17.26 -18.29
N ARG B 155 -7.19 -16.69 -17.54
CA ARG B 155 -8.61 -16.92 -17.85
C ARG B 155 -9.47 -15.83 -17.24
N GLU B 156 -10.26 -15.14 -18.08
CA GLU B 156 -11.23 -14.18 -17.59
C GLU B 156 -12.58 -14.88 -17.42
N LEU B 157 -13.08 -14.93 -16.19
CA LEU B 157 -14.32 -15.63 -15.86
C LEU B 157 -15.43 -14.61 -15.67
N ALA B 158 -16.06 -14.22 -16.78
CA ALA B 158 -17.18 -13.30 -16.76
C ALA B 158 -18.50 -14.06 -16.76
N GLY B 159 -19.55 -13.38 -16.30
CA GLY B 159 -20.86 -13.99 -16.24
C GLY B 159 -21.69 -13.56 -15.05
N HIS B 160 -21.05 -13.03 -14.02
CA HIS B 160 -21.78 -12.48 -12.89
C HIS B 160 -22.28 -11.08 -13.22
N THR B 161 -23.29 -10.64 -12.46
CA THR B 161 -23.84 -9.30 -12.63
C THR B 161 -23.62 -8.39 -11.43
N GLY B 162 -23.64 -8.92 -10.22
CA GLY B 162 -23.30 -8.14 -9.05
C GLY B 162 -21.79 -8.03 -8.87
N TYR B 163 -21.40 -7.25 -7.87
CA TYR B 163 -19.98 -7.09 -7.57
C TYR B 163 -19.40 -8.37 -6.99
N LEU B 164 -18.21 -8.74 -7.46
CA LEU B 164 -17.59 -9.98 -7.00
C LEU B 164 -16.95 -9.75 -5.64
N SER B 165 -17.31 -10.60 -4.67
CA SER B 165 -16.93 -10.38 -3.28
C SER B 165 -15.95 -11.40 -2.73
N CYS B 166 -16.00 -12.66 -3.18
CA CYS B 166 -15.05 -13.64 -2.69
C CYS B 166 -14.72 -14.64 -3.78
N CYS B 167 -13.49 -15.15 -3.73
CA CYS B 167 -13.02 -16.18 -4.65
C CYS B 167 -12.12 -17.13 -3.89
N ARG B 168 -12.29 -18.43 -4.13
CA ARG B 168 -11.45 -19.44 -3.48
C ARG B 168 -11.22 -20.60 -4.43
N PHE B 169 -9.96 -21.05 -4.50
CA PHE B 169 -9.57 -22.12 -5.40
C PHE B 169 -9.77 -23.49 -4.76
N LEU B 170 -10.12 -24.47 -5.59
CA LEU B 170 -10.06 -25.88 -5.22
C LEU B 170 -8.82 -26.56 -5.78
N ASP B 171 -8.61 -26.41 -7.09
CA ASP B 171 -7.41 -26.89 -7.78
C ASP B 171 -7.16 -25.92 -8.93
N ASP B 172 -6.36 -26.34 -9.91
CA ASP B 172 -6.09 -25.51 -11.07
C ASP B 172 -7.30 -25.32 -11.99
N ASN B 173 -8.37 -26.10 -11.81
CA ASN B 173 -9.52 -26.04 -12.70
C ASN B 173 -10.82 -25.60 -12.04
N GLN B 174 -10.97 -25.75 -10.72
CA GLN B 174 -12.20 -25.40 -10.05
C GLN B 174 -11.99 -24.22 -9.11
N ILE B 175 -12.97 -23.33 -9.06
CA ILE B 175 -12.91 -22.13 -8.22
C ILE B 175 -14.35 -21.71 -7.88
N VAL B 176 -14.58 -21.40 -6.61
CA VAL B 176 -15.87 -20.93 -6.13
C VAL B 176 -15.79 -19.41 -5.98
N THR B 177 -16.69 -18.70 -6.67
CA THR B 177 -16.77 -17.25 -6.61
C THR B 177 -18.14 -16.85 -6.10
N SER B 178 -18.18 -16.04 -5.06
CA SER B 178 -19.41 -15.46 -4.55
C SER B 178 -19.45 -13.98 -4.91
N SER B 179 -20.56 -13.55 -5.49
CA SER B 179 -20.71 -12.21 -6.03
C SER B 179 -21.88 -11.50 -5.34
N GLY B 180 -22.13 -10.27 -5.78
CA GLY B 180 -23.17 -9.43 -5.23
C GLY B 180 -24.53 -9.58 -5.87
N ASP B 181 -24.71 -10.57 -6.73
CA ASP B 181 -26.01 -10.86 -7.35
C ASP B 181 -26.78 -11.93 -6.60
N THR B 182 -26.56 -12.01 -5.28
CA THR B 182 -27.19 -12.95 -4.34
C THR B 182 -26.93 -14.42 -4.68
N THR B 183 -25.91 -14.71 -5.50
CA THR B 183 -25.60 -16.07 -5.92
C THR B 183 -24.11 -16.32 -5.82
N CYS B 184 -23.75 -17.60 -5.71
CA CYS B 184 -22.38 -18.06 -5.84
C CYS B 184 -22.29 -18.96 -7.07
N ALA B 185 -21.07 -19.29 -7.48
CA ALA B 185 -20.89 -20.11 -8.67
C ALA B 185 -19.57 -20.87 -8.61
N LEU B 186 -19.61 -22.14 -9.00
CA LEU B 186 -18.41 -22.93 -9.18
C LEU B 186 -18.17 -23.07 -10.68
N TRP B 187 -16.95 -22.72 -11.10
CA TRP B 187 -16.59 -22.52 -12.49
C TRP B 187 -15.64 -23.60 -12.97
N ASP B 188 -15.26 -23.51 -14.24
CA ASP B 188 -14.19 -24.32 -14.82
C ASP B 188 -13.25 -23.39 -15.56
N ILE B 189 -11.95 -23.53 -15.30
CA ILE B 189 -10.97 -22.61 -15.87
C ILE B 189 -10.80 -22.85 -17.37
N GLU B 190 -10.75 -24.10 -17.79
CA GLU B 190 -10.52 -24.42 -19.20
C GLU B 190 -11.73 -24.07 -20.05
N THR B 191 -12.94 -24.38 -19.58
CA THR B 191 -14.13 -24.04 -20.34
C THR B 191 -14.48 -22.56 -20.24
N GLY B 192 -14.23 -21.95 -19.08
CA GLY B 192 -14.57 -20.55 -18.88
C GLY B 192 -16.00 -20.29 -18.50
N GLN B 193 -16.80 -21.33 -18.26
CA GLN B 193 -18.22 -21.19 -17.95
C GLN B 193 -18.54 -21.89 -16.63
N GLN B 194 -19.68 -21.53 -16.06
CA GLN B 194 -20.04 -21.99 -14.73
C GLN B 194 -20.47 -23.45 -14.75
N THR B 195 -19.79 -24.29 -13.96
CA THR B 195 -20.25 -25.66 -13.81
C THR B 195 -21.54 -25.74 -13.00
N THR B 196 -21.63 -24.96 -11.91
CA THR B 196 -22.87 -24.92 -11.16
C THR B 196 -23.05 -23.56 -10.52
N THR B 197 -24.31 -23.25 -10.19
CA THR B 197 -24.69 -21.98 -9.57
C THR B 197 -25.43 -22.26 -8.28
N PHE B 198 -25.03 -21.58 -7.21
CA PHE B 198 -25.61 -21.73 -5.89
C PHE B 198 -26.52 -20.53 -5.63
N THR B 199 -27.80 -20.81 -5.39
CA THR B 199 -28.83 -19.79 -5.32
C THR B 199 -29.66 -20.01 -4.06
N GLY B 200 -30.11 -18.92 -3.44
CA GLY B 200 -30.93 -19.02 -2.25
C GLY B 200 -30.75 -17.89 -1.26
N HIS B 201 -29.63 -17.17 -1.35
CA HIS B 201 -29.47 -15.96 -0.55
C HIS B 201 -30.33 -14.84 -1.11
N THR B 202 -30.84 -13.99 -0.21
CA THR B 202 -31.65 -12.85 -0.63
C THR B 202 -30.86 -11.54 -0.65
N GLY B 203 -29.81 -11.43 0.16
CA GLY B 203 -28.92 -10.28 0.12
C GLY B 203 -27.67 -10.56 -0.69
N ASP B 204 -26.85 -9.53 -0.86
CA ASP B 204 -25.61 -9.67 -1.61
C ASP B 204 -24.62 -10.53 -0.85
N VAL B 205 -24.05 -11.51 -1.53
CA VAL B 205 -23.18 -12.48 -0.87
C VAL B 205 -21.80 -11.86 -0.68
N MET B 206 -21.30 -11.91 0.55
CA MET B 206 -20.07 -11.21 0.91
C MET B 206 -18.88 -12.16 1.08
N SER B 207 -19.03 -13.27 1.79
CA SER B 207 -17.88 -14.11 2.10
C SER B 207 -18.20 -15.57 1.86
N LEU B 208 -17.14 -16.38 1.84
CA LEU B 208 -17.28 -17.83 1.75
C LEU B 208 -16.06 -18.49 2.40
N SER B 209 -16.18 -19.78 2.67
CA SER B 209 -15.07 -20.56 3.19
C SER B 209 -15.28 -22.03 2.87
N LEU B 210 -14.24 -22.67 2.35
CA LEU B 210 -14.24 -24.11 2.08
C LEU B 210 -13.74 -24.91 3.27
N ALA B 211 -14.27 -26.13 3.38
CA ALA B 211 -13.83 -27.07 4.40
C ALA B 211 -12.43 -27.59 4.07
N PRO B 212 -11.69 -28.08 5.07
CA PRO B 212 -10.38 -28.70 4.77
C PRO B 212 -10.45 -29.92 3.87
N ASP B 213 -11.53 -30.71 3.93
CA ASP B 213 -11.70 -31.84 3.03
C ASP B 213 -12.50 -31.48 1.78
N THR B 214 -12.76 -30.17 1.57
CA THR B 214 -13.34 -29.52 0.37
C THR B 214 -14.65 -30.16 -0.14
N ARG B 215 -15.33 -30.94 0.70
CA ARG B 215 -16.63 -31.47 0.31
C ARG B 215 -17.74 -30.43 0.38
N LEU B 216 -17.66 -29.53 1.37
CA LEU B 216 -18.67 -28.51 1.58
C LEU B 216 -18.00 -27.15 1.73
N PHE B 217 -18.76 -26.10 1.44
CA PHE B 217 -18.32 -24.74 1.72
C PHE B 217 -19.50 -23.94 2.23
N VAL B 218 -19.26 -23.08 3.22
CA VAL B 218 -20.31 -22.26 3.80
C VAL B 218 -20.04 -20.80 3.43
N SER B 219 -21.09 -20.12 2.98
CA SER B 219 -20.97 -18.76 2.46
C SER B 219 -22.00 -17.87 3.11
N GLY B 220 -21.64 -16.60 3.29
CA GLY B 220 -22.46 -15.66 4.00
C GLY B 220 -22.73 -14.41 3.20
N ALA B 221 -23.93 -13.86 3.41
CA ALA B 221 -24.46 -12.75 2.63
C ALA B 221 -24.90 -11.60 3.52
N CYS B 222 -25.60 -10.63 2.93
CA CYS B 222 -26.08 -9.45 3.64
C CYS B 222 -27.43 -9.66 4.32
N ASP B 223 -27.99 -10.87 4.24
CA ASP B 223 -29.27 -11.18 4.87
C ASP B 223 -29.11 -11.83 6.23
N ALA B 224 -27.91 -11.77 6.82
CA ALA B 224 -27.58 -12.36 8.12
C ALA B 224 -27.84 -13.86 8.17
N SER B 225 -27.54 -14.54 7.06
CA SER B 225 -27.75 -15.98 6.95
C SER B 225 -26.53 -16.61 6.31
N ALA B 226 -26.01 -17.65 6.94
CA ALA B 226 -24.87 -18.41 6.43
C ALA B 226 -25.39 -19.75 5.91
N LYS B 227 -25.14 -20.02 4.62
CA LYS B 227 -25.66 -21.21 3.98
C LYS B 227 -24.52 -22.16 3.66
N LEU B 228 -24.70 -23.44 3.99
CA LEU B 228 -23.73 -24.48 3.68
C LEU B 228 -24.14 -25.18 2.40
N TRP B 229 -23.20 -25.33 1.48
CA TRP B 229 -23.44 -25.89 0.17
C TRP B 229 -22.47 -27.03 -0.09
N ASP B 230 -22.90 -27.99 -0.90
CA ASP B 230 -22.05 -29.06 -1.37
C ASP B 230 -21.60 -28.75 -2.79
N VAL B 231 -20.32 -29.01 -3.08
CA VAL B 231 -19.76 -28.66 -4.38
C VAL B 231 -20.27 -29.55 -5.49
N ARG B 232 -20.80 -30.74 -5.17
CA ARG B 232 -21.36 -31.64 -6.16
C ARG B 232 -22.89 -31.60 -6.20
N GLU B 233 -23.55 -31.38 -5.06
CA GLU B 233 -25.00 -31.30 -5.05
C GLU B 233 -25.49 -30.02 -5.69
N GLY B 234 -24.86 -28.90 -5.37
CA GLY B 234 -25.29 -27.62 -5.92
C GLY B 234 -26.47 -26.99 -5.22
N MET B 235 -26.81 -27.47 -4.02
CA MET B 235 -27.96 -26.96 -3.28
C MET B 235 -27.57 -26.76 -1.83
N CYS B 236 -28.32 -25.89 -1.15
CA CYS B 236 -28.01 -25.53 0.24
C CYS B 236 -28.40 -26.66 1.18
N ARG B 237 -27.46 -27.07 2.03
CA ARG B 237 -27.68 -28.16 2.97
C ARG B 237 -28.21 -27.66 4.31
N GLN B 238 -27.55 -26.68 4.91
CA GLN B 238 -27.94 -26.12 6.19
C GLN B 238 -27.95 -24.60 6.10
N THR B 239 -28.80 -23.98 6.91
CA THR B 239 -28.96 -22.52 6.94
C THR B 239 -28.85 -22.04 8.38
N PHE B 240 -28.00 -21.05 8.62
CA PHE B 240 -27.69 -20.56 9.95
C PHE B 240 -28.09 -19.10 10.05
N THR B 241 -28.75 -18.74 11.15
CA THR B 241 -29.26 -17.40 11.37
C THR B 241 -28.97 -17.03 12.81
N GLY B 242 -28.95 -15.73 13.11
CA GLY B 242 -28.65 -15.26 14.44
C GLY B 242 -27.94 -13.93 14.48
N HIS B 243 -27.53 -13.43 13.32
CA HIS B 243 -26.99 -12.09 13.21
C HIS B 243 -28.12 -11.10 12.87
N GLU B 244 -27.83 -9.82 13.04
CA GLU B 244 -28.81 -8.77 12.74
C GLU B 244 -28.27 -7.76 11.73
N SER B 245 -27.13 -8.03 11.10
CA SER B 245 -26.55 -7.12 10.13
C SER B 245 -25.93 -7.96 9.02
N ASP B 246 -25.20 -7.31 8.11
CA ASP B 246 -24.64 -7.98 6.95
C ASP B 246 -23.46 -8.85 7.37
N ILE B 247 -23.57 -10.16 7.14
CA ILE B 247 -22.46 -11.07 7.40
C ILE B 247 -21.41 -10.86 6.32
N ASN B 248 -20.17 -10.58 6.75
CA ASN B 248 -19.11 -10.33 5.79
C ASN B 248 -17.82 -11.09 6.11
N ALA B 249 -17.84 -12.03 7.04
CA ALA B 249 -16.65 -12.86 7.27
C ALA B 249 -17.07 -14.25 7.73
N ILE B 250 -16.53 -15.28 7.10
CA ILE B 250 -16.76 -16.67 7.49
C ILE B 250 -15.45 -17.44 7.38
N CYS B 251 -15.07 -18.16 8.44
CA CYS B 251 -13.94 -19.08 8.38
C CYS B 251 -14.31 -20.40 9.05
N PHE B 252 -14.01 -21.50 8.38
CA PHE B 252 -14.21 -22.82 8.96
C PHE B 252 -13.27 -23.08 10.13
N PHE B 253 -13.74 -23.93 11.06
CA PHE B 253 -12.86 -24.58 12.01
C PHE B 253 -11.92 -25.51 11.25
N PRO B 254 -10.68 -25.69 11.74
CA PRO B 254 -9.77 -26.65 11.08
C PRO B 254 -10.23 -28.09 11.16
N ASN B 255 -11.09 -28.44 12.12
CA ASN B 255 -11.67 -29.79 12.15
C ASN B 255 -12.67 -29.97 11.01
N GLY B 256 -13.44 -28.92 10.70
CA GLY B 256 -14.37 -28.95 9.59
C GLY B 256 -15.83 -29.14 9.98
N ASN B 257 -16.11 -29.41 11.24
CA ASN B 257 -17.48 -29.60 11.71
C ASN B 257 -18.12 -28.33 12.25
N ALA B 258 -17.42 -27.20 12.19
CA ALA B 258 -17.94 -25.94 12.70
C ALA B 258 -17.32 -24.79 11.91
N PHE B 259 -17.89 -23.60 12.06
CA PHE B 259 -17.35 -22.43 11.41
C PHE B 259 -17.75 -21.19 12.21
N ALA B 260 -16.86 -20.20 12.23
CA ALA B 260 -17.15 -18.91 12.85
C ALA B 260 -17.45 -17.88 11.79
N THR B 261 -18.21 -16.87 12.17
CA THR B 261 -18.60 -15.79 11.28
C THR B 261 -18.56 -14.47 12.03
N GLY B 262 -18.43 -13.40 11.26
CA GLY B 262 -18.41 -12.04 11.76
C GLY B 262 -19.17 -11.11 10.85
N SER B 263 -19.90 -10.17 11.46
CA SER B 263 -20.80 -9.28 10.75
C SER B 263 -20.62 -7.87 11.32
N ASP B 264 -21.53 -6.97 10.96
CA ASP B 264 -21.40 -5.55 11.28
C ASP B 264 -21.94 -5.20 12.67
N ASP B 265 -22.40 -6.17 13.45
CA ASP B 265 -22.92 -5.91 14.78
C ASP B 265 -21.87 -6.09 15.87
N ALA B 266 -20.58 -6.16 15.48
CA ALA B 266 -19.43 -6.30 16.38
C ALA B 266 -19.48 -7.58 17.22
N THR B 267 -20.18 -8.60 16.73
CA THR B 267 -20.26 -9.90 17.40
C THR B 267 -19.83 -10.97 16.41
N CYS B 268 -18.97 -11.88 16.88
CA CYS B 268 -18.65 -13.09 16.14
C CYS B 268 -19.49 -14.24 16.68
N ARG B 269 -19.83 -15.18 15.80
CA ARG B 269 -20.68 -16.30 16.18
C ARG B 269 -20.09 -17.59 15.67
N LEU B 270 -19.98 -18.60 16.55
CA LEU B 270 -19.46 -19.91 16.18
C LEU B 270 -20.63 -20.86 15.99
N PHE B 271 -20.95 -21.16 14.73
CA PHE B 271 -21.98 -22.12 14.41
C PHE B 271 -21.36 -23.51 14.23
N ASP B 272 -22.15 -24.53 14.51
CA ASP B 272 -21.74 -25.92 14.35
C ASP B 272 -22.56 -26.57 13.25
N LEU B 273 -21.91 -27.43 12.45
CA LEU B 273 -22.63 -28.12 11.40
C LEU B 273 -23.51 -29.23 11.97
N ARG B 274 -23.02 -29.95 12.97
CA ARG B 274 -23.80 -31.05 13.56
C ARG B 274 -24.94 -30.52 14.41
N ALA B 275 -24.69 -29.52 15.25
CA ALA B 275 -25.73 -28.97 16.10
C ALA B 275 -26.71 -28.08 15.33
N ASP B 276 -26.24 -27.52 14.20
CA ASP B 276 -27.02 -26.67 13.29
C ASP B 276 -27.58 -25.45 14.03
N GLN B 277 -26.77 -24.89 14.94
CA GLN B 277 -27.14 -23.69 15.68
C GLN B 277 -25.88 -23.01 16.19
N GLU B 278 -26.06 -21.80 16.70
CA GLU B 278 -24.95 -21.02 17.23
C GLU B 278 -24.52 -21.56 18.59
N LEU B 279 -23.21 -21.76 18.75
CA LEU B 279 -22.65 -22.25 20.01
C LEU B 279 -22.21 -21.10 20.91
N MET B 280 -21.31 -20.26 20.42
CA MET B 280 -20.70 -19.22 21.23
C MET B 280 -20.77 -17.88 20.50
N THR B 281 -20.94 -16.81 21.28
CA THR B 281 -20.96 -15.45 20.78
C THR B 281 -19.78 -14.70 21.41
N TYR B 282 -18.91 -14.18 20.55
CA TYR B 282 -17.73 -13.42 20.98
C TYR B 282 -18.03 -11.94 20.79
N SER B 283 -18.12 -11.20 21.89
CA SER B 283 -18.42 -9.78 21.85
C SER B 283 -17.88 -9.13 23.12
N HIS B 284 -17.80 -7.80 23.08
CA HIS B 284 -17.37 -7.03 24.22
C HIS B 284 -18.25 -5.79 24.33
N ASP B 285 -18.30 -5.21 25.53
CA ASP B 285 -19.16 -4.06 25.76
C ASP B 285 -18.61 -2.80 25.11
N ASN B 286 -17.29 -2.70 24.97
CA ASN B 286 -16.65 -1.52 24.40
C ASN B 286 -16.22 -1.72 22.95
N ILE B 287 -16.89 -2.61 22.21
CA ILE B 287 -16.57 -2.86 20.82
C ILE B 287 -17.80 -2.58 19.98
N ILE B 288 -17.71 -1.57 19.12
CA ILE B 288 -18.68 -1.27 18.07
C ILE B 288 -17.81 -1.40 16.82
N CYS B 289 -18.35 -1.05 15.64
CA CYS B 289 -17.61 -1.02 14.37
C CYS B 289 -17.05 -2.41 14.01
N GLY B 290 -17.99 -3.27 13.62
CA GLY B 290 -17.79 -4.70 13.51
C GLY B 290 -16.76 -5.29 12.56
N ILE B 291 -16.88 -6.59 12.32
CA ILE B 291 -15.78 -7.39 11.80
C ILE B 291 -15.73 -7.27 10.28
N THR B 292 -14.51 -7.14 9.75
CA THR B 292 -14.27 -7.23 8.31
C THR B 292 -13.68 -8.56 7.87
N SER B 293 -12.96 -9.26 8.74
CA SER B 293 -12.38 -10.55 8.37
C SER B 293 -12.17 -11.40 9.62
N VAL B 294 -12.39 -12.71 9.49
CA VAL B 294 -12.12 -13.66 10.56
C VAL B 294 -11.17 -14.74 10.03
N SER B 295 -10.50 -15.40 10.97
CA SER B 295 -9.73 -16.59 10.69
C SER B 295 -9.52 -17.36 11.99
N PHE B 296 -9.15 -18.63 11.84
CA PHE B 296 -8.79 -19.49 12.94
C PHE B 296 -7.30 -19.79 12.91
N SER B 297 -6.72 -20.02 14.09
CA SER B 297 -5.36 -20.49 14.19
C SER B 297 -5.34 -22.01 13.99
N LYS B 298 -4.18 -22.64 14.19
CA LYS B 298 -4.13 -24.09 14.17
C LYS B 298 -4.83 -24.64 15.40
N SER B 299 -5.55 -25.76 15.20
CA SER B 299 -6.42 -26.46 16.16
C SER B 299 -7.63 -25.63 16.60
N GLY B 300 -7.83 -24.44 16.03
CA GLY B 300 -9.03 -23.65 16.24
C GLY B 300 -9.19 -23.07 17.62
N ARG B 301 -8.10 -22.93 18.39
CA ARG B 301 -8.23 -22.41 19.75
C ARG B 301 -8.45 -20.90 19.77
N LEU B 302 -7.82 -20.16 18.86
CA LEU B 302 -7.93 -18.72 18.81
C LEU B 302 -8.76 -18.29 17.61
N LEU B 303 -9.53 -17.22 17.79
CA LEU B 303 -10.28 -16.60 16.70
C LEU B 303 -9.70 -15.21 16.47
N LEU B 304 -9.12 -15.01 15.29
CA LEU B 304 -8.53 -13.73 14.90
C LEU B 304 -9.55 -12.97 14.07
N ALA B 305 -10.08 -11.89 14.62
CA ALA B 305 -11.14 -11.12 13.97
C ALA B 305 -10.65 -9.72 13.70
N GLY B 306 -10.72 -9.29 12.44
CA GLY B 306 -10.27 -7.96 12.09
C GLY B 306 -11.37 -6.94 12.12
N TYR B 307 -11.48 -6.21 13.22
CA TYR B 307 -12.52 -5.20 13.37
C TYR B 307 -12.09 -3.91 12.71
N ASP B 308 -13.07 -3.21 12.13
CA ASP B 308 -12.80 -1.97 11.41
C ASP B 308 -12.80 -0.74 12.29
N ASP B 309 -12.55 -0.90 13.59
CA ASP B 309 -12.02 0.18 14.42
C ASP B 309 -10.51 0.07 14.52
N PHE B 310 -9.92 -0.38 13.41
CA PHE B 310 -8.52 -0.38 12.99
C PHE B 310 -7.71 -1.55 13.53
N ASN B 311 -8.31 -2.58 14.11
CA ASN B 311 -7.45 -3.56 14.77
C ASN B 311 -8.07 -4.94 14.78
N CYS B 312 -7.22 -5.94 14.92
CA CYS B 312 -7.63 -7.33 15.06
C CYS B 312 -7.61 -7.74 16.52
N ASN B 313 -8.51 -8.64 16.87
CA ASN B 313 -8.66 -9.14 18.23
C ASN B 313 -8.54 -10.65 18.25
N VAL B 314 -7.87 -11.16 19.26
CA VAL B 314 -7.69 -12.59 19.49
C VAL B 314 -8.67 -12.98 20.58
N TRP B 315 -9.73 -13.69 20.19
CA TRP B 315 -10.71 -14.23 21.11
C TRP B 315 -10.41 -15.71 21.37
N ASP B 316 -10.78 -16.16 22.57
CA ASP B 316 -10.72 -17.58 22.89
C ASP B 316 -11.96 -18.26 22.32
N ALA B 317 -11.77 -19.25 21.46
CA ALA B 317 -12.90 -19.90 20.79
C ALA B 317 -13.69 -20.81 21.73
N LEU B 318 -13.12 -21.18 22.87
CA LEU B 318 -13.82 -22.01 23.85
C LEU B 318 -14.22 -21.26 25.11
N LYS B 319 -13.63 -20.10 25.38
CA LYS B 319 -13.91 -19.33 26.58
C LYS B 319 -14.61 -18.01 26.34
N ALA B 320 -14.72 -17.57 25.08
CA ALA B 320 -15.31 -16.29 24.66
C ALA B 320 -14.65 -15.10 25.37
N ASP B 321 -13.34 -15.18 25.55
CA ASP B 321 -12.56 -14.14 26.22
C ASP B 321 -11.56 -13.56 25.24
N ARG B 322 -11.45 -12.24 25.24
CA ARG B 322 -10.49 -11.54 24.38
C ARG B 322 -9.09 -11.77 24.91
N ALA B 323 -8.37 -12.70 24.26
CA ALA B 323 -7.01 -13.01 24.69
C ALA B 323 -6.04 -11.89 24.33
N GLY B 324 -6.14 -11.35 23.12
CA GLY B 324 -5.15 -10.38 22.69
C GLY B 324 -5.71 -9.35 21.74
N VAL B 325 -4.87 -8.37 21.42
CA VAL B 325 -5.19 -7.31 20.46
C VAL B 325 -4.03 -7.18 19.49
N LEU B 326 -4.33 -7.13 18.19
CA LEU B 326 -3.34 -6.97 17.13
C LEU B 326 -3.35 -5.55 16.56
N ALA B 327 -3.47 -4.55 17.42
CA ALA B 327 -3.42 -3.16 16.96
C ALA B 327 -2.04 -2.81 16.44
N GLY B 328 -2.00 -1.88 15.50
CA GLY B 328 -0.79 -1.61 14.75
C GLY B 328 -1.04 -1.20 13.31
N HIS B 329 -2.29 -1.23 12.89
CA HIS B 329 -2.69 -0.73 11.58
C HIS B 329 -3.29 0.66 11.75
N ASP B 330 -2.86 1.59 10.89
CA ASP B 330 -3.34 2.96 10.99
C ASP B 330 -4.76 3.11 10.47
N ASN B 331 -5.18 2.22 9.57
CA ASN B 331 -6.55 2.20 9.08
C ASN B 331 -7.13 0.81 9.30
N ARG B 332 -8.35 0.56 8.82
CA ARG B 332 -9.09 -0.61 9.26
C ARG B 332 -8.58 -1.89 8.61
N VAL B 333 -8.54 -2.96 9.40
CA VAL B 333 -8.01 -4.23 8.93
C VAL B 333 -9.04 -4.85 8.00
N SER B 334 -8.82 -4.69 6.69
CA SER B 334 -9.74 -5.25 5.71
C SER B 334 -9.56 -6.74 5.59
N CYS B 335 -8.33 -7.22 5.55
CA CYS B 335 -8.06 -8.61 5.22
C CYS B 335 -7.13 -9.23 6.24
N LEU B 336 -7.21 -10.55 6.35
CA LEU B 336 -6.58 -11.26 7.45
C LEU B 336 -6.41 -12.71 7.03
N GLY B 337 -5.41 -13.37 7.58
CA GLY B 337 -5.17 -14.76 7.22
C GLY B 337 -4.08 -15.46 7.99
N VAL B 338 -4.31 -16.73 8.31
CA VAL B 338 -3.35 -17.54 9.06
C VAL B 338 -2.76 -18.57 8.11
N THR B 339 -1.45 -18.82 8.23
CA THR B 339 -0.78 -19.81 7.41
C THR B 339 -1.27 -21.22 7.75
N ASP B 340 -1.01 -22.15 6.83
CA ASP B 340 -1.49 -23.52 6.97
C ASP B 340 -0.79 -24.27 8.11
N ASP B 341 0.45 -23.91 8.41
CA ASP B 341 1.15 -24.47 9.57
C ASP B 341 1.01 -23.60 10.81
N GLY B 342 0.34 -22.46 10.71
CA GLY B 342 0.09 -21.61 11.86
C GLY B 342 1.29 -20.85 12.36
N MET B 343 2.30 -20.62 11.52
CA MET B 343 3.50 -19.91 11.96
C MET B 343 3.21 -18.44 12.23
N ALA B 344 2.35 -17.82 11.43
CA ALA B 344 2.11 -16.39 11.54
C ALA B 344 0.72 -16.07 11.04
N VAL B 345 0.27 -14.86 11.33
CA VAL B 345 -0.97 -14.32 10.80
C VAL B 345 -0.69 -13.00 10.12
N ALA B 346 -1.14 -12.85 8.89
CA ALA B 346 -1.01 -11.59 8.18
C ALA B 346 -2.30 -10.81 8.30
N THR B 347 -2.18 -9.51 8.51
CA THR B 347 -3.31 -8.60 8.46
C THR B 347 -2.96 -7.48 7.51
N GLY B 348 -3.81 -7.23 6.54
CA GLY B 348 -3.63 -6.13 5.61
C GLY B 348 -4.75 -5.14 5.79
N SER B 349 -4.43 -3.86 5.70
CA SER B 349 -5.41 -2.88 6.11
C SER B 349 -5.65 -1.83 5.02
N TRP B 350 -6.43 -0.81 5.36
CA TRP B 350 -6.83 0.22 4.43
C TRP B 350 -5.83 1.35 4.31
N ASP B 351 -4.70 1.28 5.02
CA ASP B 351 -3.52 2.00 4.58
C ASP B 351 -2.79 1.10 3.57
N SER B 352 -1.58 1.44 3.22
CA SER B 352 -0.89 0.72 2.16
C SER B 352 -0.17 -0.53 2.65
N PHE B 353 -0.55 -1.08 3.80
CA PHE B 353 0.33 -1.96 4.54
C PHE B 353 -0.32 -3.29 4.91
N LEU B 354 0.48 -4.34 4.73
CA LEU B 354 0.30 -5.66 5.31
C LEU B 354 1.29 -5.81 6.46
N LYS B 355 0.95 -6.65 7.42
CA LYS B 355 1.80 -6.89 8.57
C LYS B 355 1.74 -8.36 8.92
N ILE B 356 2.89 -8.94 9.25
CA ILE B 356 3.00 -10.37 9.53
C ILE B 356 3.20 -10.50 11.03
N TRP B 357 2.13 -10.72 11.77
CA TRP B 357 2.15 -10.85 13.21
C TRP B 357 2.51 -12.28 13.60
N ASN B 358 3.24 -12.41 14.69
CA ASN B 358 3.74 -13.71 15.13
C ASN B 358 3.99 -13.67 16.63
N ALA C 7 -43.12 -14.78 -11.22
CA ALA C 7 -43.24 -16.22 -11.03
C ALA C 7 -43.01 -16.60 -9.56
N SER C 8 -43.81 -16.01 -8.67
CA SER C 8 -43.68 -16.26 -7.24
C SER C 8 -44.31 -17.59 -6.82
N ILE C 9 -45.08 -18.23 -7.70
CA ILE C 9 -45.70 -19.51 -7.36
C ILE C 9 -44.66 -20.61 -7.28
N ALA C 10 -43.73 -20.65 -8.23
CA ALA C 10 -42.68 -21.67 -8.22
C ALA C 10 -41.62 -21.36 -7.18
N GLN C 11 -41.34 -20.07 -6.93
CA GLN C 11 -40.31 -19.69 -5.96
C GLN C 11 -40.74 -20.02 -4.53
N ALA C 12 -42.01 -19.80 -4.21
CA ALA C 12 -42.51 -20.15 -2.89
C ALA C 12 -42.52 -21.66 -2.68
N ARG C 13 -42.89 -22.43 -3.70
CA ARG C 13 -42.85 -23.88 -3.62
C ARG C 13 -41.43 -24.40 -3.46
N LYS C 14 -40.47 -23.80 -4.18
CA LYS C 14 -39.07 -24.18 -4.04
C LYS C 14 -38.53 -23.82 -2.67
N LEU C 15 -38.96 -22.68 -2.11
CA LEU C 15 -38.55 -22.29 -0.76
C LEU C 15 -39.11 -23.24 0.29
N VAL C 16 -40.37 -23.65 0.13
CA VAL C 16 -40.98 -24.62 1.05
C VAL C 16 -40.28 -25.96 0.97
N GLU C 17 -39.96 -26.41 -0.25
CA GLU C 17 -39.24 -27.67 -0.43
C GLU C 17 -37.82 -27.60 0.16
N GLN C 18 -37.14 -26.47 -0.02
CA GLN C 18 -35.80 -26.28 0.54
C GLN C 18 -35.84 -26.27 2.06
N LEU C 19 -36.83 -25.61 2.65
CA LEU C 19 -36.93 -25.58 4.11
C LEU C 19 -37.34 -26.93 4.68
N LYS C 20 -38.15 -27.70 3.94
CA LYS C 20 -38.49 -29.05 4.37
C LYS C 20 -37.29 -29.99 4.26
N MET C 21 -36.45 -29.79 3.24
CA MET C 21 -35.23 -30.58 3.12
C MET C 21 -34.19 -30.18 4.17
N GLU C 22 -34.23 -28.93 4.63
CA GLU C 22 -33.36 -28.51 5.72
C GLU C 22 -33.91 -28.86 7.09
N ALA C 23 -35.20 -29.21 7.18
CA ALA C 23 -35.83 -29.46 8.48
C ALA C 23 -35.65 -30.90 8.95
N ASN C 24 -35.68 -31.88 8.04
CA ASN C 24 -35.70 -33.29 8.42
C ASN C 24 -34.32 -33.88 8.64
N ILE C 25 -33.26 -33.08 8.53
CA ILE C 25 -31.91 -33.60 8.75
C ILE C 25 -31.67 -33.83 10.24
N ASP C 26 -30.74 -34.72 10.55
CA ASP C 26 -30.41 -35.04 11.92
C ASP C 26 -29.59 -33.91 12.55
N ARG C 27 -29.63 -33.84 13.88
CA ARG C 27 -28.91 -32.81 14.63
C ARG C 27 -28.28 -33.44 15.85
N ILE C 28 -26.95 -33.51 15.86
CA ILE C 28 -26.21 -34.01 17.02
C ILE C 28 -26.31 -33.00 18.16
N LYS C 29 -26.34 -33.50 19.39
CA LYS C 29 -26.48 -32.66 20.58
C LYS C 29 -25.24 -31.79 20.78
N VAL C 30 -25.41 -30.76 21.61
CA VAL C 30 -24.36 -29.76 21.83
C VAL C 30 -23.19 -30.37 22.60
N SER C 31 -23.47 -31.34 23.47
CA SER C 31 -22.43 -31.94 24.30
C SER C 31 -21.43 -32.74 23.47
N LYS C 32 -21.92 -33.52 22.49
CA LYS C 32 -21.01 -34.33 21.67
C LYS C 32 -20.19 -33.45 20.73
N ALA C 33 -20.80 -32.42 20.15
CA ALA C 33 -20.06 -31.50 19.29
C ALA C 33 -19.03 -30.70 20.08
N ALA C 34 -19.39 -30.29 21.30
CA ALA C 34 -18.44 -29.58 22.16
C ALA C 34 -17.29 -30.48 22.59
N ALA C 35 -17.57 -31.76 22.85
CA ALA C 35 -16.53 -32.72 23.17
C ALA C 35 -15.61 -32.95 21.98
N ASP C 36 -16.17 -33.00 20.77
CA ASP C 36 -15.35 -33.15 19.57
C ASP C 36 -14.48 -31.93 19.32
N LEU C 37 -15.03 -30.72 19.55
CA LEU C 37 -14.26 -29.50 19.40
C LEU C 37 -13.14 -29.40 20.43
N MET C 38 -13.42 -29.79 21.68
CA MET C 38 -12.39 -29.80 22.71
C MET C 38 -11.32 -30.85 22.42
N ALA C 39 -11.73 -31.99 21.87
CA ALA C 39 -10.77 -33.02 21.47
C ALA C 39 -9.87 -32.54 20.34
N TYR C 40 -10.43 -31.79 19.39
CA TYR C 40 -9.59 -31.24 18.32
C TYR C 40 -8.69 -30.12 18.82
N CYS C 41 -9.15 -29.31 19.78
CA CYS C 41 -8.32 -28.22 20.30
C CYS C 41 -7.17 -28.75 21.14
N GLU C 42 -7.44 -29.67 22.07
CA GLU C 42 -6.38 -30.21 22.90
C GLU C 42 -5.62 -31.36 22.24
N ALA C 43 -6.07 -31.84 21.07
CA ALA C 43 -5.30 -32.83 20.34
C ALA C 43 -4.13 -32.20 19.61
N HIS C 44 -4.28 -30.95 19.18
CA HIS C 44 -3.22 -30.23 18.47
C HIS C 44 -2.91 -28.90 19.15
N ALA C 45 -3.00 -28.86 20.49
CA ALA C 45 -2.64 -27.65 21.22
C ALA C 45 -1.14 -27.39 21.17
N LYS C 46 -0.35 -28.47 21.20
CA LYS C 46 1.10 -28.33 21.01
C LYS C 46 1.48 -28.04 19.57
N GLU C 47 0.63 -28.42 18.61
CA GLU C 47 0.92 -28.20 17.20
C GLU C 47 0.75 -26.74 16.78
N ASP C 48 -0.05 -25.96 17.51
CA ASP C 48 -0.29 -24.56 17.17
C ASP C 48 0.84 -23.70 17.72
N PRO C 49 1.59 -22.99 16.86
CA PRO C 49 2.67 -22.12 17.36
C PRO C 49 2.21 -20.74 17.77
N LEU C 50 0.94 -20.38 17.56
CA LEU C 50 0.43 -19.08 17.96
C LEU C 50 -0.15 -19.09 19.37
N LEU C 51 -0.26 -20.25 20.01
CA LEU C 51 -0.71 -20.32 21.40
C LEU C 51 0.42 -19.89 22.33
N THR C 52 1.51 -20.66 22.34
CA THR C 52 2.70 -20.33 23.10
C THR C 52 3.59 -19.39 22.31
N PRO C 53 4.41 -18.57 22.99
CA PRO C 53 5.45 -17.81 22.28
C PRO C 53 6.48 -18.74 21.65
N VAL C 54 6.70 -18.56 20.35
CA VAL C 54 7.59 -19.44 19.59
C VAL C 54 9.04 -19.13 19.96
N PRO C 55 9.92 -20.13 20.05
CA PRO C 55 11.35 -19.84 20.21
C PRO C 55 11.92 -19.14 18.99
N ALA C 56 12.98 -18.35 19.23
CA ALA C 56 13.55 -17.51 18.18
C ALA C 56 14.24 -18.34 17.10
N SER C 57 14.77 -19.52 17.45
CA SER C 57 15.35 -20.39 16.44
C SER C 57 14.27 -21.06 15.60
N GLU C 58 13.19 -21.50 16.24
CA GLU C 58 12.10 -22.14 15.51
C GLU C 58 11.24 -21.14 14.75
N ASN C 59 11.28 -19.86 15.13
CA ASN C 59 10.54 -18.84 14.43
C ASN C 59 11.17 -18.59 13.07
N PRO C 60 10.40 -18.54 11.98
CA PRO C 60 10.96 -18.13 10.69
C PRO C 60 10.89 -16.63 10.44
N PHE C 61 10.23 -15.87 11.32
CA PHE C 61 9.97 -14.46 11.07
C PHE C 61 10.75 -13.54 11.99
N ARG C 62 11.77 -14.04 12.68
CA ARG C 62 12.58 -13.18 13.52
C ARG C 62 13.52 -12.33 12.67
N GLU C 63 14.05 -11.27 13.28
CA GLU C 63 14.99 -10.41 12.59
C GLU C 63 16.28 -10.24 13.41
N GLU D 125 38.61 48.52 28.84
CA GLU D 125 37.42 49.24 28.39
C GLU D 125 37.70 50.00 27.11
N ASN D 126 38.29 49.32 26.13
CA ASN D 126 38.66 49.91 24.86
C ASN D 126 38.24 48.95 23.75
N PHE D 127 38.73 49.20 22.54
CA PHE D 127 38.49 48.30 21.41
C PHE D 127 39.56 47.21 21.39
N MET D 128 39.64 46.48 20.28
CA MET D 128 40.64 45.44 20.00
C MET D 128 40.59 44.31 21.04
N ASP D 129 39.48 43.56 20.98
CA ASP D 129 39.27 42.33 21.73
C ASP D 129 39.26 42.57 23.25
N ILE D 130 38.29 43.35 23.68
CA ILE D 130 38.08 43.59 25.11
C ILE D 130 37.19 42.47 25.65
N GLU D 131 37.20 42.30 26.97
CA GLU D 131 36.45 41.24 27.64
C GLU D 131 35.58 41.86 28.71
N CYS D 132 34.51 41.14 29.09
CA CYS D 132 33.50 41.55 30.07
C CYS D 132 32.83 42.86 29.66
N PHE D 133 32.35 42.86 28.42
CA PHE D 133 31.79 44.05 27.79
C PHE D 133 30.34 44.33 28.18
N MET D 134 29.71 43.42 28.95
CA MET D 134 28.25 43.41 29.11
C MET D 134 27.74 44.69 29.80
N VAL D 135 26.70 45.26 29.21
CA VAL D 135 26.29 46.63 29.52
C VAL D 135 25.01 46.64 30.34
N LEU D 136 24.77 45.57 31.10
CA LEU D 136 23.56 45.43 31.89
C LEU D 136 23.79 45.80 33.35
N ASN D 137 24.63 46.81 33.58
CA ASN D 137 24.90 47.29 34.94
C ASN D 137 23.67 47.82 35.70
N PRO D 138 22.70 48.58 35.09
CA PRO D 138 21.49 48.92 35.86
C PRO D 138 20.56 47.74 36.10
N SER D 139 19.37 48.02 36.64
CA SER D 139 18.42 47.02 37.11
C SER D 139 17.65 46.32 35.97
N GLN D 140 18.11 46.45 34.71
CA GLN D 140 17.52 45.74 33.59
C GLN D 140 17.84 44.24 33.60
N GLN D 141 18.74 43.79 34.47
CA GLN D 141 19.01 42.36 34.61
C GLN D 141 17.81 41.62 35.17
N LEU D 142 17.05 42.26 36.06
CA LEU D 142 15.84 41.65 36.59
C LEU D 142 14.75 41.58 35.52
N ALA D 143 14.65 42.61 34.68
CA ALA D 143 13.63 42.64 33.63
C ALA D 143 13.89 41.58 32.57
N ILE D 144 15.15 41.44 32.16
CA ILE D 144 15.53 40.40 31.21
C ILE D 144 15.29 39.02 31.82
N ALA D 145 15.54 38.87 33.13
CA ALA D 145 15.33 37.60 33.81
C ALA D 145 13.85 37.21 33.82
N VAL D 146 12.97 38.16 34.19
CA VAL D 146 11.55 37.81 34.28
C VAL D 146 10.95 37.61 32.90
N LEU D 147 11.34 38.43 31.91
CA LEU D 147 10.82 38.26 30.55
C LEU D 147 11.31 36.97 29.91
N SER D 148 12.59 36.63 30.09
CA SER D 148 13.14 35.42 29.51
C SER D 148 12.59 34.18 30.20
N LEU D 149 12.35 34.26 31.51
CA LEU D 149 11.77 33.11 32.21
C LEU D 149 10.32 32.88 31.81
N THR D 150 9.53 33.95 31.69
CA THR D 150 8.15 33.80 31.24
C THR D 150 8.07 33.29 29.81
N LEU D 151 8.90 33.83 28.91
CA LEU D 151 8.88 33.38 27.52
C LEU D 151 9.42 31.97 27.37
N GLY D 152 10.42 31.59 28.18
CA GLY D 152 10.90 30.22 28.14
C GLY D 152 9.90 29.20 28.65
N THR D 153 9.19 29.54 29.74
CA THR D 153 8.14 28.66 30.25
C THR D 153 6.99 28.54 29.26
N PHE D 154 6.60 29.66 28.63
CA PHE D 154 5.55 29.64 27.63
C PHE D 154 5.96 28.83 26.40
N THR D 155 7.22 28.97 25.97
CA THR D 155 7.73 28.19 24.84
C THR D 155 7.75 26.70 25.16
N VAL D 156 8.16 26.34 26.39
CA VAL D 156 8.21 24.94 26.79
C VAL D 156 6.82 24.34 26.82
N LEU D 157 5.85 25.06 27.40
CA LEU D 157 4.48 24.57 27.48
C LEU D 157 3.84 24.43 26.10
N GLU D 158 4.00 25.45 25.25
CA GLU D 158 3.39 25.43 23.92
C GLU D 158 4.02 24.36 23.02
N ASN D 159 5.35 24.25 23.05
CA ASN D 159 6.01 23.29 22.17
C ASN D 159 5.85 21.86 22.67
N LEU D 160 5.73 21.68 24.00
CA LEU D 160 5.40 20.35 24.52
C LEU D 160 3.97 19.97 24.16
N LEU D 161 3.05 20.95 24.15
CA LEU D 161 1.69 20.69 23.69
C LEU D 161 1.66 20.29 22.22
N VAL D 162 2.43 21.01 21.39
CA VAL D 162 2.48 20.71 19.95
C VAL D 162 3.11 19.34 19.71
N LEU D 163 4.20 19.02 20.40
CA LEU D 163 4.85 17.72 20.23
C LEU D 163 3.99 16.58 20.78
N CYS D 164 3.17 16.84 21.80
CA CYS D 164 2.28 15.81 22.30
C CYS D 164 1.09 15.58 21.38
N VAL D 165 0.57 16.65 20.77
CA VAL D 165 -0.56 16.50 19.86
C VAL D 165 -0.13 15.83 18.56
N ILE D 166 1.03 16.23 18.03
CA ILE D 166 1.50 15.70 16.74
C ILE D 166 1.84 14.22 16.84
N LEU D 167 2.60 13.83 17.88
CA LEU D 167 3.13 12.48 17.96
C LEU D 167 2.06 11.46 18.36
N HIS D 168 1.06 11.85 19.15
CA HIS D 168 0.07 10.89 19.64
C HIS D 168 -0.99 10.56 18.60
N SER D 169 -1.17 11.40 17.59
CA SER D 169 -2.24 11.23 16.62
C SER D 169 -1.65 10.87 15.26
N ARG D 170 -2.15 9.79 14.66
CA ARG D 170 -1.68 9.35 13.35
C ARG D 170 -2.18 10.23 12.22
N SER D 171 -3.32 10.90 12.41
CA SER D 171 -3.87 11.76 11.36
C SER D 171 -2.98 12.98 11.10
N LEU D 172 -2.25 13.43 12.12
CA LEU D 172 -1.25 14.47 11.94
C LEU D 172 0.15 13.90 11.70
N ARG D 173 0.38 12.63 12.04
CA ARG D 173 1.71 12.04 11.89
C ARG D 173 2.05 11.80 10.44
N CYS D 174 1.07 11.39 9.63
CA CYS D 174 1.35 10.97 8.26
C CYS D 174 1.62 12.15 7.33
N ARG D 175 1.00 13.29 7.60
CA ARG D 175 1.12 14.44 6.71
C ARG D 175 2.51 15.06 6.84
N PRO D 176 3.23 15.28 5.73
CA PRO D 176 4.63 15.71 5.83
C PRO D 176 4.82 17.16 6.24
N SER D 177 3.80 18.00 6.13
CA SER D 177 3.94 19.39 6.57
C SER D 177 3.96 19.48 8.09
N TYR D 178 3.21 18.60 8.77
CA TYR D 178 3.25 18.57 10.23
C TYR D 178 4.56 18.00 10.75
N HIS D 179 5.31 17.27 9.91
CA HIS D 179 6.69 16.95 10.25
C HIS D 179 7.56 18.20 10.30
N PHE D 180 7.33 19.14 9.39
CA PHE D 180 8.04 20.42 9.45
C PHE D 180 7.58 21.27 10.63
N ILE D 181 6.30 21.18 10.99
CA ILE D 181 5.80 21.87 12.18
C ILE D 181 6.45 21.29 13.44
N GLY D 182 6.59 19.97 13.50
CA GLY D 182 7.30 19.35 14.61
C GLY D 182 8.79 19.66 14.63
N SER D 183 9.40 19.80 13.44
CA SER D 183 10.80 20.23 13.36
C SER D 183 10.98 21.63 13.92
N LEU D 184 10.07 22.55 13.56
CA LEU D 184 10.10 23.90 14.11
C LEU D 184 9.83 23.88 15.61
N ALA D 185 8.99 22.96 16.07
CA ALA D 185 8.70 22.84 17.50
C ALA D 185 9.92 22.36 18.28
N VAL D 186 10.65 21.38 17.74
CA VAL D 186 11.86 20.88 18.39
C VAL D 186 12.95 21.96 18.39
N ALA D 187 13.09 22.69 17.27
CA ALA D 187 14.05 23.78 17.20
C ALA D 187 13.73 24.89 18.19
N ASP D 188 12.46 25.27 18.30
CA ASP D 188 12.07 26.31 19.23
C ASP D 188 12.23 25.87 20.68
N LEU D 189 11.96 24.59 20.97
CA LEU D 189 12.12 24.06 22.32
C LEU D 189 13.59 24.07 22.76
N LEU D 190 14.47 23.52 21.90
CA LEU D 190 15.90 23.50 22.20
C LEU D 190 16.48 24.90 22.28
N GLY D 191 16.06 25.79 21.37
CA GLY D 191 16.52 27.16 21.42
C GLY D 191 16.07 27.90 22.65
N SER D 192 14.83 27.63 23.10
CA SER D 192 14.32 28.24 24.31
C SER D 192 15.14 27.83 25.52
N VAL D 193 15.35 26.52 25.73
CA VAL D 193 16.02 26.08 26.95
C VAL D 193 17.49 26.48 26.94
N ILE D 194 18.18 26.29 25.80
CA ILE D 194 19.61 26.58 25.73
C ILE D 194 19.85 28.09 25.76
N PHE D 195 18.96 28.88 25.15
CA PHE D 195 19.15 30.33 25.15
C PHE D 195 18.88 30.91 26.52
N VAL D 196 17.83 30.44 27.22
CA VAL D 196 17.59 31.04 28.53
C VAL D 196 18.67 30.59 29.53
N TYR D 197 19.20 29.37 29.37
CA TYR D 197 20.30 28.93 30.22
C TYR D 197 21.55 29.78 29.98
N SER D 198 21.92 29.98 28.71
CA SER D 198 23.13 30.72 28.39
C SER D 198 22.99 32.21 28.67
N PHE D 199 21.81 32.78 28.38
CA PHE D 199 21.58 34.21 28.56
C PHE D 199 21.46 34.58 30.02
N ILE D 200 20.79 33.75 30.83
CA ILE D 200 20.73 33.99 32.27
C ILE D 200 22.08 33.66 32.92
N ASP D 201 22.86 32.77 32.32
CA ASP D 201 24.23 32.56 32.82
C ASP D 201 25.12 33.76 32.52
N PHE D 202 24.92 34.40 31.37
CA PHE D 202 25.80 35.51 30.99
C PHE D 202 25.39 36.82 31.66
N HIS D 203 24.19 37.31 31.36
CA HIS D 203 23.83 38.65 31.80
C HIS D 203 23.40 38.71 33.26
N VAL D 204 23.09 37.58 33.88
CA VAL D 204 22.87 37.49 35.31
C VAL D 204 24.00 36.65 35.88
N PHE D 205 24.53 37.08 37.04
CA PHE D 205 25.65 36.52 37.81
C PHE D 205 27.01 36.78 37.15
N HIS D 206 27.01 37.28 35.91
CA HIS D 206 28.20 37.68 35.15
C HIS D 206 29.23 36.55 35.03
N ARG D 207 28.76 35.37 34.62
CA ARG D 207 29.61 34.18 34.54
C ARG D 207 30.46 34.26 33.29
N LYS D 208 31.75 34.47 33.46
CA LYS D 208 32.73 34.47 32.37
C LYS D 208 33.48 33.15 32.41
N ASP D 209 33.35 32.37 31.34
CA ASP D 209 34.04 31.09 31.23
C ASP D 209 34.98 31.13 30.04
N SER D 210 35.56 29.98 29.71
CA SER D 210 36.55 29.88 28.64
C SER D 210 35.89 30.09 27.27
N ARG D 211 36.74 30.28 26.26
CA ARG D 211 36.25 30.60 24.93
C ARG D 211 35.56 29.40 24.28
N ASN D 212 36.02 28.19 24.57
CA ASN D 212 35.45 27.01 23.94
C ASN D 212 34.08 26.65 24.49
N VAL D 213 33.77 27.07 25.72
CA VAL D 213 32.46 26.77 26.28
C VAL D 213 31.42 27.77 25.79
N PHE D 214 31.80 29.05 25.73
CA PHE D 214 30.91 30.08 25.21
C PHE D 214 30.63 29.86 23.72
N LEU D 215 31.64 29.44 22.96
CA LEU D 215 31.43 29.05 21.57
C LEU D 215 30.51 27.84 21.46
N PHE D 216 30.59 26.90 22.41
CA PHE D 216 29.73 25.71 22.37
C PHE D 216 28.27 26.07 22.64
N LYS D 217 28.03 26.92 23.64
CA LYS D 217 26.64 27.29 23.92
C LYS D 217 26.08 28.23 22.86
N LEU D 218 26.92 29.12 22.29
CA LEU D 218 26.48 29.95 21.17
C LEU D 218 26.24 29.10 19.93
N GLY D 219 27.00 28.03 19.76
CA GLY D 219 26.73 27.11 18.66
C GLY D 219 25.42 26.37 18.84
N GLY D 220 25.11 25.95 20.07
CA GLY D 220 23.81 25.34 20.32
C GLY D 220 22.65 26.29 20.07
N VAL D 221 22.80 27.55 20.52
CA VAL D 221 21.77 28.57 20.32
C VAL D 221 21.57 28.88 18.84
N THR D 222 22.67 29.12 18.11
CA THR D 222 22.53 29.45 16.69
C THR D 222 22.20 28.23 15.84
N ALA D 223 22.49 27.01 16.32
CA ALA D 223 22.02 25.81 15.63
C ALA D 223 20.52 25.70 15.71
N SER D 224 19.96 25.88 16.91
CA SER D 224 18.52 25.79 17.08
C SER D 224 17.80 26.94 16.38
N PHE D 225 18.34 28.16 16.46
CA PHE D 225 17.67 29.30 15.84
C PHE D 225 18.02 29.48 14.37
N THR D 226 18.89 28.63 13.82
CA THR D 226 19.01 28.50 12.37
C THR D 226 18.12 27.38 11.86
N ALA D 227 17.96 26.30 12.64
CA ALA D 227 17.03 25.24 12.29
C ALA D 227 15.59 25.70 12.36
N SER D 228 15.29 26.67 13.22
CA SER D 228 13.95 27.26 13.27
C SER D 228 13.61 28.00 11.99
N VAL D 229 14.54 28.83 11.51
CA VAL D 229 14.34 29.57 10.26
C VAL D 229 14.35 28.61 9.07
N GLY D 230 15.15 27.54 9.14
CA GLY D 230 15.13 26.54 8.10
C GLY D 230 13.83 25.76 8.04
N SER D 231 13.23 25.49 9.19
CA SER D 231 11.93 24.82 9.21
C SER D 231 10.82 25.75 8.72
N LEU D 232 10.95 27.06 9.03
CA LEU D 232 10.05 28.04 8.44
C LEU D 232 10.19 28.11 6.93
N PHE D 233 11.43 28.01 6.44
CA PHE D 233 11.70 27.99 5.00
C PHE D 233 11.13 26.74 4.34
N LEU D 234 11.26 25.59 5.00
CA LEU D 234 10.69 24.35 4.47
C LEU D 234 9.17 24.40 4.44
N THR D 235 8.56 24.94 5.49
CA THR D 235 7.10 25.12 5.52
C THR D 235 6.64 26.08 4.44
N ALA D 236 7.41 27.16 4.23
CA ALA D 236 7.06 28.15 3.20
C ALA D 236 7.17 27.58 1.80
N ILE D 237 8.20 26.77 1.53
CA ILE D 237 8.30 26.21 0.17
C ILE D 237 7.30 25.07 -0.01
N ASP D 238 6.93 24.37 1.07
CA ASP D 238 5.88 23.36 0.98
C ASP D 238 4.54 23.98 0.63
N ARG D 239 4.17 25.06 1.33
CA ARG D 239 2.94 25.78 1.01
C ARG D 239 3.03 26.53 -0.31
N TYR D 240 4.24 26.86 -0.76
CA TYR D 240 4.39 27.50 -2.06
C TYR D 240 4.14 26.52 -3.19
N ILE D 241 4.71 25.31 -3.10
CA ILE D 241 4.48 24.32 -4.16
C ILE D 241 3.14 23.61 -4.02
N SER D 242 2.46 23.75 -2.88
CA SER D 242 1.11 23.21 -2.79
C SER D 242 0.12 24.05 -3.60
N ILE D 243 0.41 25.33 -3.81
CA ILE D 243 -0.48 26.20 -4.57
C ILE D 243 0.12 26.57 -5.92
N HIS D 244 1.41 26.34 -6.15
CA HIS D 244 2.01 26.60 -7.45
C HIS D 244 1.90 25.38 -8.37
N ARG D 245 2.02 24.19 -7.80
CA ARG D 245 1.85 22.94 -8.53
C ARG D 245 0.81 22.11 -7.78
N PRO D 246 -0.49 22.38 -8.02
CA PRO D 246 -1.54 21.79 -7.17
C PRO D 246 -1.70 20.29 -7.29
N LEU D 247 -1.80 19.78 -8.51
CA LEU D 247 -1.91 18.33 -8.69
C LEU D 247 -0.58 17.63 -8.46
N ALA D 248 0.53 18.30 -8.75
CA ALA D 248 1.85 17.68 -8.63
C ALA D 248 2.32 17.56 -7.18
N TYR D 249 1.72 18.32 -6.26
CA TYR D 249 2.22 18.44 -4.89
C TYR D 249 2.25 17.10 -4.16
N LYS D 250 1.17 16.32 -4.32
CA LYS D 250 1.07 15.00 -3.70
C LYS D 250 2.13 14.03 -4.21
N ARG D 251 2.63 14.22 -5.43
CA ARG D 251 3.70 13.37 -5.94
C ARG D 251 5.05 14.07 -5.92
N ILE D 252 5.17 15.19 -5.20
CA ILE D 252 6.46 15.83 -4.96
C ILE D 252 6.89 15.68 -3.50
N VAL D 253 6.03 16.05 -2.56
CA VAL D 253 6.33 15.98 -1.14
C VAL D 253 5.74 14.70 -0.59
N THR D 254 6.59 13.84 -0.03
CA THR D 254 6.17 12.65 0.68
C THR D 254 6.87 12.65 2.04
N ARG D 255 6.47 11.68 2.88
CA ARG D 255 7.02 11.58 4.23
C ARG D 255 8.53 11.30 4.29
N PRO D 256 9.10 10.32 3.55
CA PRO D 256 10.57 10.17 3.61
C PRO D 256 11.35 11.33 3.00
N LYS D 257 10.83 11.98 1.96
CA LYS D 257 11.52 13.14 1.40
C LYS D 257 11.45 14.33 2.35
N ALA D 258 10.36 14.46 3.10
CA ALA D 258 10.28 15.48 4.14
C ALA D 258 11.25 15.18 5.27
N VAL D 259 11.43 13.91 5.62
CA VAL D 259 12.41 13.51 6.62
C VAL D 259 13.82 13.83 6.13
N VAL D 260 14.08 13.61 4.84
CA VAL D 260 15.38 13.92 4.23
C VAL D 260 15.66 15.43 4.29
N ALA D 261 14.65 16.24 3.95
CA ALA D 261 14.82 17.70 4.00
C ALA D 261 14.99 18.20 5.43
N PHE D 262 14.26 17.60 6.37
CA PHE D 262 14.42 17.86 7.80
C PHE D 262 15.85 17.60 8.26
N CYS D 263 16.39 16.42 7.92
CA CYS D 263 17.74 16.05 8.32
C CYS D 263 18.79 16.94 7.66
N LEU D 264 18.58 17.30 6.37
CA LEU D 264 19.54 18.14 5.66
C LEU D 264 19.57 19.55 6.25
N MET D 265 18.39 20.10 6.56
CA MET D 265 18.32 21.43 7.17
C MET D 265 18.95 21.45 8.55
N TRP D 266 18.67 20.43 9.37
CA TRP D 266 19.24 20.38 10.71
C TRP D 266 20.75 20.19 10.69
N THR D 267 21.25 19.36 9.75
CA THR D 267 22.69 19.14 9.67
C THR D 267 23.42 20.37 9.11
N ILE D 268 22.80 21.09 8.17
CA ILE D 268 23.48 22.30 7.68
C ILE D 268 23.45 23.39 8.74
N ALA D 269 22.39 23.45 9.56
CA ALA D 269 22.39 24.38 10.68
C ALA D 269 23.44 24.02 11.72
N ILE D 270 23.62 22.71 11.97
CA ILE D 270 24.63 22.24 12.91
C ILE D 270 26.04 22.55 12.42
N VAL D 271 26.31 22.37 11.13
CA VAL D 271 27.67 22.62 10.65
C VAL D 271 27.95 24.13 10.53
N ILE D 272 26.94 24.96 10.23
CA ILE D 272 27.13 26.41 10.32
C ILE D 272 27.38 26.83 11.77
N ALA D 273 26.73 26.14 12.71
CA ALA D 273 26.91 26.43 14.13
C ALA D 273 28.30 26.05 14.63
N VAL D 274 28.84 24.92 14.17
CA VAL D 274 30.16 24.48 14.61
C VAL D 274 31.28 25.04 13.75
N LEU D 275 30.95 25.79 12.70
CA LEU D 275 31.97 26.52 11.94
C LEU D 275 32.86 27.47 12.76
N PRO D 276 32.37 28.30 13.70
CA PRO D 276 33.31 29.07 14.52
C PRO D 276 33.97 28.28 15.63
N LEU D 277 33.47 27.08 15.94
CA LEU D 277 34.09 26.26 16.97
C LEU D 277 35.45 25.75 16.55
N LEU D 278 35.69 25.63 15.24
CA LEU D 278 36.94 25.07 14.72
C LEU D 278 37.91 26.15 14.25
N GLY D 279 37.51 26.98 13.29
CA GLY D 279 38.45 27.92 12.71
C GLY D 279 38.06 29.39 12.65
N TRP D 280 36.76 29.67 12.62
CA TRP D 280 36.32 31.03 12.29
C TRP D 280 36.42 32.00 13.45
N ASN D 281 36.71 31.54 14.67
CA ASN D 281 36.83 32.45 15.81
C ASN D 281 38.05 33.36 15.65
N CYS D 282 37.89 34.61 16.06
CA CYS D 282 38.93 35.62 15.82
C CYS D 282 40.11 35.50 16.77
N GLU D 283 40.03 34.63 17.78
CA GLU D 283 41.19 34.35 18.62
C GLU D 283 42.24 33.54 17.87
N LYS D 284 41.82 32.66 16.95
CA LYS D 284 42.76 31.83 16.22
C LYS D 284 43.33 32.58 15.01
N LEU D 285 42.46 33.06 14.13
CA LEU D 285 42.85 33.89 13.01
C LEU D 285 42.62 35.34 13.39
N GLN D 286 43.69 36.13 13.38
CA GLN D 286 43.63 37.50 13.88
C GLN D 286 42.87 38.41 12.93
N SER D 287 41.57 38.59 13.17
CA SER D 287 40.76 39.50 12.39
C SER D 287 39.98 40.42 13.33
N VAL D 288 39.09 41.24 12.78
CA VAL D 288 38.26 42.10 13.61
C VAL D 288 37.20 41.25 14.31
N CYS D 289 36.98 41.52 15.60
CA CYS D 289 36.04 40.77 16.41
C CYS D 289 34.80 41.61 16.68
N SER D 290 33.64 40.96 16.63
CA SER D 290 32.40 41.63 17.00
C SER D 290 32.35 41.86 18.50
N ASP D 291 31.68 42.93 18.90
CA ASP D 291 31.57 43.23 20.32
C ASP D 291 30.36 42.55 20.97
N ILE D 292 29.24 42.47 20.26
CA ILE D 292 28.03 41.89 20.82
C ILE D 292 28.16 40.38 20.98
N PHE D 293 28.98 39.74 20.15
CA PHE D 293 29.39 38.35 20.36
C PHE D 293 30.90 38.36 20.52
N PRO D 294 31.41 38.26 21.76
CA PRO D 294 32.84 38.58 22.01
C PRO D 294 33.83 37.62 21.37
N HIS D 295 33.46 36.35 21.18
CA HIS D 295 34.36 35.37 20.58
C HIS D 295 33.96 35.01 19.17
N ILE D 296 33.26 35.91 18.48
CA ILE D 296 32.82 35.72 17.10
C ILE D 296 33.30 36.91 16.29
N ASP D 297 33.96 36.64 15.16
CA ASP D 297 34.40 37.70 14.27
C ASP D 297 33.22 38.27 13.48
N GLU D 298 33.45 39.41 12.84
CA GLU D 298 32.38 40.06 12.09
C GLU D 298 32.08 39.35 10.76
N THR D 299 33.03 38.53 10.27
CA THR D 299 32.80 37.76 9.06
C THR D 299 31.70 36.72 9.27
N TYR D 300 31.69 36.07 10.44
CA TYR D 300 30.63 35.13 10.76
C TYR D 300 29.29 35.84 10.93
N LEU D 301 29.30 37.08 11.44
CA LEU D 301 28.08 37.88 11.49
C LEU D 301 27.54 38.17 10.09
N MET D 302 28.44 38.54 9.16
CA MET D 302 28.00 38.82 7.78
C MET D 302 27.47 37.55 7.11
N PHE D 303 28.11 36.41 7.35
CA PHE D 303 27.68 35.15 6.76
C PHE D 303 26.33 34.71 7.33
N TRP D 304 26.14 34.85 8.64
CA TRP D 304 24.87 34.47 9.27
C TRP D 304 23.74 35.40 8.85
N ILE D 305 24.04 36.70 8.75
CA ILE D 305 23.06 37.67 8.25
C ILE D 305 22.68 37.37 6.80
N GLY D 306 23.66 36.97 5.98
CA GLY D 306 23.36 36.60 4.62
C GLY D 306 22.47 35.38 4.49
N VAL D 307 22.76 34.31 5.24
CA VAL D 307 21.96 33.09 5.18
C VAL D 307 20.55 33.35 5.71
N THR D 308 20.45 34.07 6.84
CA THR D 308 19.15 34.39 7.43
C THR D 308 18.33 35.30 6.51
N SER D 309 18.97 36.28 5.88
CA SER D 309 18.25 37.20 5.01
C SER D 309 17.78 36.52 3.72
N VAL D 310 18.58 35.60 3.18
CA VAL D 310 18.15 34.83 2.02
C VAL D 310 16.95 33.95 2.35
N LEU D 311 16.99 33.28 3.52
CA LEU D 311 15.86 32.45 3.93
C LEU D 311 14.60 33.27 4.19
N LEU D 312 14.74 34.46 4.82
CA LEU D 312 13.57 35.28 5.09
C LEU D 312 13.00 35.91 3.82
N LEU D 313 13.85 36.28 2.86
CA LEU D 313 13.33 36.78 1.59
C LEU D 313 12.65 35.68 0.79
N PHE D 314 13.15 34.44 0.87
CA PHE D 314 12.47 33.32 0.24
C PHE D 314 11.12 33.06 0.88
N ILE D 315 11.04 33.17 2.21
CA ILE D 315 9.77 32.99 2.92
C ILE D 315 8.77 34.08 2.53
N VAL D 316 9.23 35.33 2.46
CA VAL D 316 8.34 36.45 2.10
C VAL D 316 7.89 36.34 0.65
N TYR D 317 8.78 35.88 -0.24
CA TYR D 317 8.41 35.65 -1.64
C TYR D 317 7.38 34.54 -1.77
N ALA D 318 7.57 33.43 -1.03
CA ALA D 318 6.61 32.34 -1.08
C ALA D 318 5.24 32.76 -0.55
N TYR D 319 5.22 33.50 0.55
CA TYR D 319 3.93 33.91 1.11
C TYR D 319 3.33 35.12 0.40
N MET D 320 4.07 35.76 -0.50
CA MET D 320 3.43 36.72 -1.40
C MET D 320 2.89 36.02 -2.64
N TYR D 321 3.59 35.00 -3.13
CA TYR D 321 3.13 34.25 -4.29
C TYR D 321 1.89 33.43 -3.98
N ILE D 322 1.78 32.88 -2.76
CA ILE D 322 0.58 32.15 -2.37
C ILE D 322 -0.64 33.07 -2.39
N LEU D 323 -0.48 34.29 -1.85
CA LEU D 323 -1.57 35.25 -1.84
C LEU D 323 -1.93 35.72 -3.24
N TRP D 324 -0.93 35.93 -4.11
CA TRP D 324 -1.21 36.37 -5.47
C TRP D 324 -1.89 35.27 -6.28
N LYS D 325 -1.43 34.02 -6.15
CA LYS D 325 -2.04 32.91 -6.87
C LYS D 325 -3.45 32.63 -6.37
N ALA D 326 -3.68 32.76 -5.06
CA ALA D 326 -5.02 32.57 -4.53
C ALA D 326 -5.96 33.70 -4.92
N HIS D 327 -5.44 34.93 -5.01
CA HIS D 327 -6.24 36.04 -5.49
C HIS D 327 -6.61 35.87 -6.96
N SER D 328 -5.66 35.40 -7.77
CA SER D 328 -5.93 35.13 -9.17
C SER D 328 -6.93 33.99 -9.35
N HIS D 329 -6.83 32.96 -8.52
CA HIS D 329 -7.79 31.86 -8.57
C HIS D 329 -9.19 32.31 -8.15
N ALA D 330 -9.28 33.16 -7.11
CA ALA D 330 -10.58 33.67 -6.69
C ALA D 330 -11.18 34.60 -7.73
N VAL D 331 -10.34 35.39 -8.41
CA VAL D 331 -10.80 36.24 -9.50
C VAL D 331 -11.33 35.39 -10.65
N ARG D 332 -10.61 34.31 -10.98
CA ARG D 332 -11.07 33.39 -12.03
C ARG D 332 -12.37 32.69 -11.65
N MET D 333 -12.55 32.37 -10.37
CA MET D 333 -13.79 31.77 -9.91
C MET D 333 -14.95 32.76 -9.96
N ILE D 334 -14.69 34.04 -9.67
CA ILE D 334 -15.74 35.05 -9.74
C ILE D 334 -16.12 35.33 -11.20
N GLN D 335 -15.13 35.42 -12.09
CA GLN D 335 -15.40 35.65 -13.51
C GLN D 335 -16.15 34.49 -14.14
N ARG D 336 -15.84 33.27 -13.74
CA ARG D 336 -16.60 32.11 -14.18
C ARG D 336 -17.84 31.94 -13.30
N GLY D 337 -18.66 30.95 -13.63
CA GLY D 337 -19.85 30.67 -12.85
C GLY D 337 -19.64 29.53 -11.87
N THR D 338 -18.37 29.19 -11.61
CA THR D 338 -18.07 28.04 -10.78
C THR D 338 -18.35 28.31 -9.30
N GLN D 339 -18.00 29.49 -8.82
CA GLN D 339 -18.20 29.86 -7.43
C GLN D 339 -19.48 30.67 -7.27
N LYS D 340 -19.89 30.85 -6.02
CA LYS D 340 -21.10 31.60 -5.71
C LYS D 340 -20.76 32.95 -5.10
N ALA D 360 -13.12 37.33 -1.81
CA ALA D 360 -13.80 36.05 -1.82
C ALA D 360 -13.77 35.39 -0.45
N ARG D 361 -13.63 34.06 -0.42
CA ARG D 361 -13.56 33.32 0.82
C ARG D 361 -12.29 32.51 0.98
N MET D 362 -11.52 32.29 -0.09
CA MET D 362 -10.25 31.59 0.00
C MET D 362 -9.08 32.55 0.16
N ASP D 363 -8.97 33.52 -0.75
CA ASP D 363 -7.88 34.47 -0.70
C ASP D 363 -8.02 35.41 0.51
N ILE D 364 -9.23 35.63 0.99
CA ILE D 364 -9.41 36.46 2.18
C ILE D 364 -8.88 35.76 3.42
N ARG D 365 -9.23 34.47 3.58
CA ARG D 365 -8.77 33.69 4.73
C ARG D 365 -7.25 33.52 4.73
N LEU D 366 -6.68 33.17 3.56
CA LEU D 366 -5.23 33.04 3.58
C LEU D 366 -4.53 34.38 3.53
N ALA D 367 -5.23 35.45 3.14
CA ALA D 367 -4.68 36.80 3.31
C ALA D 367 -4.55 37.14 4.78
N LYS D 368 -5.56 36.79 5.57
CA LYS D 368 -5.49 37.00 7.02
C LYS D 368 -4.33 36.23 7.64
N THR D 369 -4.25 34.92 7.37
CA THR D 369 -3.20 34.14 8.03
C THR D 369 -1.81 34.43 7.45
N LEU D 370 -1.72 34.89 6.20
CA LEU D 370 -0.41 35.16 5.60
C LEU D 370 0.11 36.54 5.99
N VAL D 371 -0.77 37.54 6.10
CA VAL D 371 -0.36 38.82 6.67
C VAL D 371 0.03 38.65 8.12
N LEU D 372 -0.66 37.78 8.86
CA LEU D 372 -0.27 37.47 10.24
C LEU D 372 1.12 36.84 10.30
N ILE D 373 1.39 35.84 9.45
CA ILE D 373 2.69 35.16 9.45
C ILE D 373 3.81 36.12 9.08
N LEU D 374 3.58 36.96 8.07
CA LEU D 374 4.62 37.88 7.65
C LEU D 374 4.84 39.01 8.65
N VAL D 375 3.81 39.47 9.35
CA VAL D 375 4.05 40.54 10.31
C VAL D 375 4.73 39.98 11.56
N VAL D 376 4.45 38.73 11.92
CA VAL D 376 5.22 38.04 12.97
C VAL D 376 6.69 37.94 12.59
N LEU D 377 6.95 37.52 11.35
CA LEU D 377 8.33 37.37 10.88
C LEU D 377 9.06 38.71 10.84
N ILE D 378 8.38 39.77 10.41
CA ILE D 378 9.00 41.09 10.33
C ILE D 378 9.28 41.63 11.73
N ILE D 379 8.29 41.64 12.63
CA ILE D 379 8.52 42.22 13.94
C ILE D 379 9.35 41.34 14.86
N CYS D 380 9.65 40.10 14.46
CA CYS D 380 10.56 39.27 15.25
C CYS D 380 11.96 39.15 14.66
N TRP D 381 12.16 39.45 13.37
CA TRP D 381 13.48 39.30 12.78
C TRP D 381 13.97 40.53 12.03
N GLY D 382 13.27 41.67 12.15
CA GLY D 382 13.71 42.90 11.55
C GLY D 382 14.65 43.72 12.40
N PRO D 383 14.21 44.13 13.61
CA PRO D 383 15.12 44.85 14.51
C PRO D 383 16.37 44.09 14.92
N LEU D 384 16.28 42.76 15.04
CA LEU D 384 17.45 41.97 15.43
C LEU D 384 18.52 42.00 14.35
N LEU D 385 18.13 41.79 13.10
CA LEU D 385 19.09 41.91 12.01
C LEU D 385 19.47 43.36 11.73
N ALA D 386 18.64 44.32 12.14
CA ALA D 386 19.02 45.73 12.04
C ALA D 386 20.15 46.05 13.01
N ILE D 387 20.07 45.55 14.25
CA ILE D 387 21.14 45.75 15.21
C ILE D 387 22.39 44.97 14.80
N MET D 388 22.20 43.76 14.25
CA MET D 388 23.35 42.96 13.82
C MET D 388 24.06 43.59 12.62
N VAL D 389 23.31 44.23 11.72
CA VAL D 389 23.94 44.96 10.61
C VAL D 389 24.63 46.23 11.12
N TYR D 390 24.00 46.92 12.08
CA TYR D 390 24.58 48.17 12.60
C TYR D 390 25.86 47.93 13.39
N ASP D 391 26.02 46.74 13.97
CA ASP D 391 27.24 46.41 14.69
C ASP D 391 28.33 45.85 13.78
N VAL D 392 28.05 45.68 12.49
CA VAL D 392 29.08 45.34 11.52
C VAL D 392 29.21 46.40 10.43
N PHE D 393 28.19 47.19 10.15
CA PHE D 393 28.21 48.19 9.08
C PHE D 393 27.65 49.52 9.60
N GLY D 394 28.11 49.95 10.77
CA GLY D 394 27.58 51.17 11.35
C GLY D 394 28.56 51.93 12.23
N LYS D 395 28.05 52.98 12.90
CA LYS D 395 28.89 53.87 13.69
C LYS D 395 29.36 53.24 15.00
N MET D 396 28.74 52.13 15.42
CA MET D 396 29.11 51.33 16.58
C MET D 396 29.07 52.15 17.87
N ASN D 397 27.86 52.55 18.24
CA ASN D 397 27.62 53.30 19.46
C ASN D 397 27.60 52.37 20.68
N LYS D 398 27.29 52.94 21.84
CA LYS D 398 27.31 52.19 23.09
C LYS D 398 25.93 51.77 23.57
N LEU D 399 24.88 52.52 23.23
CA LEU D 399 23.53 52.18 23.66
C LEU D 399 22.92 51.07 22.83
N ILE D 400 23.50 50.77 21.66
CA ILE D 400 22.97 49.76 20.76
C ILE D 400 23.10 48.36 21.37
N LYS D 401 24.17 48.12 22.12
CA LYS D 401 24.34 46.83 22.79
C LYS D 401 23.29 46.61 23.87
N THR D 402 22.83 47.68 24.52
CA THR D 402 21.77 47.57 25.51
C THR D 402 20.44 47.18 24.87
N VAL D 403 20.15 47.73 23.69
CA VAL D 403 18.91 47.39 22.99
C VAL D 403 19.04 46.01 22.32
N PHE D 404 20.28 45.53 22.12
CA PHE D 404 20.48 44.24 21.48
C PHE D 404 19.97 43.08 22.31
N ALA D 405 20.07 43.15 23.64
CA ALA D 405 19.53 42.07 24.48
C ALA D 405 18.00 42.05 24.44
N PHE D 406 17.38 43.24 24.50
CA PHE D 406 15.93 43.30 24.52
C PHE D 406 15.33 42.97 23.15
N CYS D 407 16.07 43.17 22.07
CA CYS D 407 15.60 42.66 20.78
C CYS D 407 16.15 41.29 20.46
N SER D 408 17.03 40.74 21.32
CA SER D 408 17.44 39.35 21.24
C SER D 408 16.48 38.44 21.97
N MET D 409 15.68 38.98 22.89
CA MET D 409 14.56 38.23 23.44
C MET D 409 13.39 38.11 22.46
N LEU D 410 13.46 38.80 21.31
CA LEU D 410 12.47 38.62 20.26
C LEU D 410 12.53 37.23 19.63
N CYS D 411 13.65 36.51 19.77
CA CYS D 411 13.68 35.11 19.36
C CYS D 411 12.76 34.25 20.22
N LEU D 412 12.74 34.48 21.53
CA LEU D 412 11.78 33.79 22.39
C LEU D 412 10.36 34.29 22.17
N LEU D 413 10.20 35.56 21.79
CA LEU D 413 8.88 36.04 21.38
C LEU D 413 8.40 35.28 20.15
N ASN D 414 9.28 35.08 19.16
CA ASN D 414 8.96 34.33 17.96
C ASN D 414 8.71 32.86 18.26
N SER D 415 9.45 32.30 19.22
CA SER D 415 9.26 30.90 19.57
C SER D 415 7.97 30.68 20.37
N THR D 416 7.52 31.68 21.12
CA THR D 416 6.21 31.59 21.75
C THR D 416 5.09 31.71 20.73
N VAL D 417 5.22 32.65 19.78
CA VAL D 417 4.10 32.90 18.88
C VAL D 417 4.06 31.94 17.69
N ASN D 418 5.10 31.15 17.50
CA ASN D 418 5.10 30.19 16.39
C ASN D 418 4.13 29.01 16.52
N PRO D 419 3.89 28.40 17.70
CA PRO D 419 2.81 27.39 17.77
C PRO D 419 1.41 27.94 17.58
N ILE D 420 1.17 29.24 17.79
CA ILE D 420 -0.18 29.76 17.64
C ILE D 420 -0.47 30.27 16.24
N ILE D 421 0.55 30.40 15.38
CA ILE D 421 0.35 30.80 14.00
C ILE D 421 0.75 29.73 13.00
N TYR D 422 1.31 28.60 13.45
CA TYR D 422 1.63 27.50 12.57
C TYR D 422 0.95 26.19 12.94
N ALA D 423 0.51 26.04 14.19
CA ALA D 423 -0.21 24.86 14.63
C ALA D 423 -1.65 25.15 15.03
N LEU D 424 -1.89 26.29 15.69
CA LEU D 424 -3.27 26.69 15.98
C LEU D 424 -3.99 27.20 14.74
N ARG D 425 -3.26 27.66 13.73
CA ARG D 425 -3.89 28.01 12.46
C ARG D 425 -4.38 26.79 11.71
N SER D 426 -3.81 25.62 11.97
CA SER D 426 -4.25 24.40 11.34
C SER D 426 -5.58 23.95 11.94
N LYS D 427 -6.55 23.63 11.08
CA LYS D 427 -7.83 23.13 11.56
C LYS D 427 -7.71 21.68 12.04
N ASP D 428 -6.83 20.90 11.41
CA ASP D 428 -6.67 19.50 11.80
C ASP D 428 -6.06 19.36 13.19
N LEU D 429 -5.02 20.15 13.48
CA LEU D 429 -4.44 20.12 14.82
C LEU D 429 -5.37 20.75 15.85
N ARG D 430 -6.19 21.71 15.42
CA ARG D 430 -7.19 22.30 16.31
C ARG D 430 -8.22 21.26 16.74
N HIS D 431 -8.73 20.48 15.78
CA HIS D 431 -9.65 19.40 16.12
C HIS D 431 -8.94 18.27 16.86
N ALA D 432 -7.65 18.08 16.61
CA ALA D 432 -6.90 17.03 17.30
C ALA D 432 -6.73 17.33 18.78
N PHE D 433 -6.40 18.58 19.14
CA PHE D 433 -6.30 18.87 20.56
C PHE D 433 -7.67 19.20 21.17
N ARG D 434 -8.69 19.45 20.35
CA ARG D 434 -10.04 19.50 20.87
C ARG D 434 -10.55 18.12 21.24
N SER D 435 -10.17 17.10 20.47
CA SER D 435 -10.59 15.73 20.79
C SER D 435 -9.82 15.17 21.98
N MET D 436 -8.54 15.50 22.08
CA MET D 436 -7.69 14.97 23.15
C MET D 436 -8.03 15.59 24.51
N PHE D 437 -8.52 16.84 24.52
CA PHE D 437 -8.79 17.64 25.72
C PHE D 437 -7.56 17.76 26.62
N VAL E 40 10.26 -18.55 -27.22
CA VAL E 40 11.50 -18.43 -26.47
C VAL E 40 12.69 -18.78 -27.36
N GLN E 41 13.37 -17.75 -27.86
CA GLN E 41 14.49 -17.92 -28.77
C GLN E 41 15.70 -17.14 -28.26
N LEU E 42 16.88 -17.72 -28.45
CA LEU E 42 18.15 -17.06 -28.11
C LEU E 42 19.13 -17.39 -29.23
N VAL E 43 19.23 -16.49 -30.21
CA VAL E 43 20.05 -16.70 -31.40
C VAL E 43 21.23 -15.76 -31.35
N GLU E 44 22.44 -16.30 -31.48
CA GLU E 44 23.66 -15.52 -31.46
C GLU E 44 24.20 -15.32 -32.87
N SER E 45 25.03 -14.28 -33.02
CA SER E 45 25.63 -13.96 -34.31
C SER E 45 26.94 -13.22 -34.07
N GLY E 46 27.70 -13.03 -35.15
CA GLY E 46 28.95 -12.31 -35.09
C GLY E 46 30.18 -13.14 -34.84
N GLY E 47 30.02 -14.46 -34.62
CA GLY E 47 31.17 -15.30 -34.38
C GLY E 47 31.95 -15.63 -35.65
N GLY E 48 33.16 -16.12 -35.45
CA GLY E 48 34.00 -16.49 -36.57
C GLY E 48 35.47 -16.49 -36.16
N LEU E 49 36.33 -16.57 -37.18
CA LEU E 49 37.77 -16.59 -36.98
C LEU E 49 38.28 -15.15 -36.89
N VAL E 50 39.02 -14.86 -35.82
CA VAL E 50 39.60 -13.54 -35.59
C VAL E 50 41.07 -13.70 -35.26
N GLN E 51 41.82 -12.61 -35.47
CA GLN E 51 43.21 -12.54 -35.08
C GLN E 51 43.33 -12.35 -33.57
N PRO E 52 44.41 -12.86 -32.96
CA PRO E 52 44.63 -12.59 -31.53
C PRO E 52 44.92 -11.12 -31.27
N GLY E 53 44.37 -10.61 -30.19
CA GLY E 53 44.47 -9.20 -29.86
C GLY E 53 43.44 -8.32 -30.53
N GLY E 54 42.58 -8.87 -31.38
CA GLY E 54 41.57 -8.10 -32.07
C GLY E 54 40.29 -7.94 -31.27
N SER E 55 39.31 -7.30 -31.90
CA SER E 55 38.03 -7.00 -31.28
C SER E 55 36.92 -7.76 -31.99
N ARG E 56 36.00 -8.32 -31.21
CA ARG E 56 34.87 -9.05 -31.75
C ARG E 56 33.66 -8.84 -30.84
N LYS E 57 32.50 -8.66 -31.46
CA LYS E 57 31.25 -8.42 -30.75
C LYS E 57 30.26 -9.54 -31.07
N LEU E 58 29.66 -10.10 -30.04
CA LEU E 58 28.63 -11.14 -30.17
C LEU E 58 27.29 -10.56 -29.77
N SER E 59 26.30 -10.69 -30.65
CA SER E 59 24.96 -10.19 -30.41
C SER E 59 24.01 -11.37 -30.28
N CYS E 60 23.33 -11.46 -29.13
CA CYS E 60 22.38 -12.52 -28.84
C CYS E 60 20.97 -11.93 -28.90
N SER E 61 20.23 -12.29 -29.94
CA SER E 61 18.88 -11.79 -30.13
C SER E 61 17.89 -12.66 -29.37
N ALA E 62 17.03 -12.03 -28.58
CA ALA E 62 16.04 -12.72 -27.76
C ALA E 62 14.65 -12.35 -28.24
N SER E 63 13.79 -13.36 -28.41
CA SER E 63 12.41 -13.13 -28.81
C SER E 63 11.53 -14.22 -28.20
N GLY E 64 10.26 -13.89 -28.03
CA GLY E 64 9.30 -14.81 -27.45
C GLY E 64 9.15 -14.73 -25.95
N PHE E 65 9.94 -13.89 -25.28
CA PHE E 65 9.86 -13.76 -23.83
C PHE E 65 10.34 -12.36 -23.44
N ALA E 66 10.00 -11.97 -22.22
CA ALA E 66 10.35 -10.64 -21.71
C ALA E 66 11.84 -10.57 -21.43
N PHE E 67 12.58 -9.82 -22.25
CA PHE E 67 14.02 -9.77 -22.11
C PHE E 67 14.47 -8.91 -20.94
N SER E 68 13.73 -7.84 -20.63
CA SER E 68 14.17 -6.89 -19.61
C SER E 68 14.02 -7.44 -18.20
N SER E 69 13.23 -8.50 -18.01
CA SER E 69 13.04 -9.09 -16.69
C SER E 69 13.92 -10.30 -16.45
N PHE E 70 14.81 -10.64 -17.38
CA PHE E 70 15.66 -11.82 -17.27
C PHE E 70 17.12 -11.41 -17.15
N GLY E 71 17.78 -11.89 -16.11
CA GLY E 71 19.22 -11.70 -16.00
C GLY E 71 19.96 -12.56 -17.02
N MET E 72 20.95 -11.97 -17.68
CA MET E 72 21.62 -12.60 -18.80
C MET E 72 23.02 -13.04 -18.42
N HIS E 73 23.41 -14.20 -18.94
CA HIS E 73 24.72 -14.79 -18.67
C HIS E 73 25.40 -15.14 -19.98
N TRP E 74 26.72 -15.23 -19.94
CA TRP E 74 27.53 -15.75 -21.04
C TRP E 74 28.35 -16.92 -20.52
N VAL E 75 28.19 -18.08 -21.14
CA VAL E 75 28.92 -19.29 -20.79
C VAL E 75 29.61 -19.79 -22.05
N ARG E 76 30.93 -19.96 -22.00
CA ARG E 76 31.69 -20.47 -23.13
C ARG E 76 32.05 -21.93 -22.90
N GLN E 77 32.36 -22.62 -23.99
CA GLN E 77 32.73 -24.03 -23.93
C GLN E 77 33.76 -24.31 -25.03
N ALA E 78 35.01 -24.53 -24.62
CA ALA E 78 36.05 -24.90 -25.57
C ALA E 78 35.81 -26.33 -26.06
N PRO E 79 36.26 -26.67 -27.28
CA PRO E 79 36.17 -28.06 -27.74
C PRO E 79 37.00 -29.00 -26.88
N GLU E 80 36.43 -30.19 -26.62
CA GLU E 80 36.97 -31.21 -25.70
C GLU E 80 37.24 -30.63 -24.31
N LYS E 81 36.33 -29.80 -23.84
CA LYS E 81 36.44 -29.16 -22.53
C LYS E 81 35.05 -29.11 -21.91
N GLY E 82 34.92 -28.35 -20.82
CA GLY E 82 33.66 -28.15 -20.16
C GLY E 82 33.13 -26.73 -20.34
N LEU E 83 32.12 -26.41 -19.53
CA LEU E 83 31.52 -25.09 -19.54
C LEU E 83 32.25 -24.17 -18.57
N GLU E 84 32.20 -22.87 -18.86
CA GLU E 84 32.83 -21.88 -18.01
C GLU E 84 32.07 -20.57 -18.13
N TRP E 85 31.69 -20.00 -16.98
CA TRP E 85 30.96 -18.74 -16.97
C TRP E 85 31.89 -17.59 -17.32
N VAL E 86 31.42 -16.71 -18.20
CA VAL E 86 32.22 -15.59 -18.71
C VAL E 86 31.78 -14.27 -18.08
N ALA E 87 30.54 -13.86 -18.34
CA ALA E 87 30.07 -12.56 -17.88
C ALA E 87 28.58 -12.65 -17.58
N TYR E 88 28.10 -11.71 -16.77
CA TYR E 88 26.71 -11.71 -16.33
C TYR E 88 26.25 -10.28 -16.12
N ILE E 89 25.07 -9.97 -16.63
CA ILE E 89 24.40 -8.70 -16.39
C ILE E 89 22.97 -9.01 -15.96
N SER E 90 22.48 -8.31 -14.95
CA SER E 90 21.19 -8.64 -14.36
C SER E 90 20.06 -7.98 -15.16
N SER E 91 18.85 -8.01 -14.61
CA SER E 91 17.72 -7.38 -15.26
C SER E 91 17.79 -5.87 -15.06
N GLY E 92 17.67 -5.14 -16.17
CA GLY E 92 17.77 -3.69 -16.09
C GLY E 92 19.17 -3.17 -15.85
N SER E 93 20.20 -4.00 -16.09
CA SER E 93 21.62 -3.66 -15.95
C SER E 93 21.99 -3.19 -14.55
N GLY E 94 21.36 -3.78 -13.53
CA GLY E 94 21.64 -3.36 -12.16
C GLY E 94 22.99 -3.84 -11.67
N THR E 95 23.37 -5.07 -12.02
CA THR E 95 24.59 -5.69 -11.52
C THR E 95 25.33 -6.34 -12.68
N ILE E 96 26.62 -6.06 -12.79
CA ILE E 96 27.47 -6.64 -13.82
C ILE E 96 28.64 -7.32 -13.13
N TYR E 97 28.84 -8.61 -13.42
CA TYR E 97 29.92 -9.37 -12.85
C TYR E 97 30.83 -9.92 -13.93
N TYR E 98 32.10 -10.13 -13.58
CA TYR E 98 33.09 -10.67 -14.49
C TYR E 98 33.91 -11.73 -13.76
N ALA E 99 34.49 -12.63 -14.54
CA ALA E 99 35.30 -13.72 -13.98
C ALA E 99 36.76 -13.26 -13.84
N ASP E 100 37.65 -14.21 -13.54
CA ASP E 100 39.04 -13.86 -13.30
C ASP E 100 39.78 -13.52 -14.59
N THR E 101 39.53 -14.28 -15.65
CA THR E 101 40.14 -14.03 -16.95
C THR E 101 39.29 -13.09 -17.82
N VAL E 102 38.21 -12.56 -17.28
CA VAL E 102 37.26 -11.74 -18.02
C VAL E 102 37.34 -10.28 -17.59
N LYS E 103 37.56 -10.02 -16.31
CA LYS E 103 37.59 -8.66 -15.79
C LYS E 103 38.82 -7.91 -16.31
N GLY E 104 38.58 -6.69 -16.81
CA GLY E 104 39.62 -5.88 -17.40
C GLY E 104 39.78 -6.04 -18.90
N ARG E 105 39.06 -6.97 -19.50
CA ARG E 105 39.18 -7.22 -20.94
C ARG E 105 37.84 -7.17 -21.66
N PHE E 106 36.76 -7.64 -21.04
CA PHE E 106 35.48 -7.78 -21.70
C PHE E 106 34.51 -6.69 -21.24
N THR E 107 33.42 -6.56 -21.98
CA THR E 107 32.34 -5.65 -21.64
C THR E 107 31.02 -6.27 -22.06
N ILE E 108 30.09 -6.40 -21.12
CA ILE E 108 28.78 -6.99 -21.37
C ILE E 108 27.72 -5.92 -21.10
N SER E 109 26.75 -5.83 -22.02
CA SER E 109 25.67 -4.86 -21.90
C SER E 109 24.44 -5.42 -22.60
N ARG E 110 23.30 -4.83 -22.31
CA ARG E 110 22.03 -5.25 -22.87
C ARG E 110 21.27 -4.06 -23.40
N ASP E 111 20.44 -4.31 -24.42
CA ASP E 111 19.55 -3.31 -24.99
C ASP E 111 18.13 -3.83 -24.83
N ASP E 112 17.46 -3.38 -23.78
CA ASP E 112 16.10 -3.86 -23.49
C ASP E 112 15.05 -3.50 -24.54
N PRO E 113 14.98 -2.28 -25.11
CA PRO E 113 14.05 -2.10 -26.26
C PRO E 113 14.41 -2.93 -27.48
N LYS E 114 15.70 -3.17 -27.74
CA LYS E 114 16.09 -4.00 -28.87
C LYS E 114 16.02 -5.49 -28.57
N ASN E 115 15.92 -5.87 -27.30
CA ASN E 115 15.87 -7.26 -26.82
C ASN E 115 17.07 -8.07 -27.29
N THR E 116 18.25 -7.45 -27.25
CA THR E 116 19.47 -8.04 -27.77
C THR E 116 20.57 -7.91 -26.72
N LEU E 117 21.31 -8.99 -26.48
CA LEU E 117 22.41 -9.01 -25.53
C LEU E 117 23.73 -8.91 -26.28
N PHE E 118 24.59 -7.98 -25.84
CA PHE E 118 25.87 -7.73 -26.48
C PHE E 118 27.01 -8.25 -25.63
N LEU E 119 28.17 -8.42 -26.27
CA LEU E 119 29.39 -8.84 -25.59
C LEU E 119 30.57 -8.28 -26.36
N GLN E 120 31.15 -7.21 -25.85
CA GLN E 120 32.30 -6.56 -26.47
C GLN E 120 33.58 -7.19 -25.93
N MET E 121 34.33 -7.85 -26.81
CA MET E 121 35.54 -8.57 -26.44
C MET E 121 36.76 -7.86 -27.01
N THR E 122 37.71 -7.52 -26.14
CA THR E 122 38.93 -6.85 -26.53
C THR E 122 40.14 -7.66 -26.08
N SER E 123 41.17 -7.70 -26.95
CA SER E 123 42.44 -8.39 -26.73
C SER E 123 42.24 -9.88 -26.44
N LEU E 124 41.69 -10.57 -27.44
CA LEU E 124 41.45 -12.00 -27.34
C LEU E 124 42.75 -12.78 -27.37
N ARG E 125 42.78 -13.89 -26.64
CA ARG E 125 43.95 -14.75 -26.55
C ARG E 125 43.58 -16.15 -27.08
N SER E 126 44.54 -17.07 -26.98
CA SER E 126 44.32 -18.43 -27.46
C SER E 126 43.38 -19.22 -26.56
N GLU E 127 43.21 -18.80 -25.31
CA GLU E 127 42.30 -19.49 -24.39
C GLU E 127 40.84 -19.09 -24.60
N ASP E 128 40.56 -18.11 -25.46
CA ASP E 128 39.20 -17.67 -25.72
C ASP E 128 38.56 -18.41 -26.89
N THR E 129 39.25 -19.39 -27.48
CA THR E 129 38.67 -20.20 -28.55
C THR E 129 37.67 -21.17 -27.93
N ALA E 130 36.39 -20.80 -27.99
CA ALA E 130 35.35 -21.57 -27.31
C ALA E 130 34.02 -21.31 -28.00
N MET E 131 33.03 -22.13 -27.66
CA MET E 131 31.67 -21.98 -28.15
C MET E 131 30.86 -21.22 -27.12
N TYR E 132 30.50 -19.98 -27.44
CA TYR E 132 29.80 -19.11 -26.51
C TYR E 132 28.31 -19.42 -26.51
N TYR E 133 27.71 -19.55 -25.33
CA TYR E 133 26.30 -19.83 -25.18
C TYR E 133 25.61 -18.67 -24.48
N CYS E 134 24.51 -18.20 -25.08
CA CYS E 134 23.74 -17.11 -24.51
C CYS E 134 22.67 -17.69 -23.59
N VAL E 135 22.75 -17.36 -22.31
CA VAL E 135 21.92 -17.97 -21.27
C VAL E 135 21.04 -16.91 -20.64
N ARG E 136 19.75 -17.19 -20.52
CA ARG E 136 18.85 -16.37 -19.73
C ARG E 136 18.72 -16.95 -18.32
N SER E 137 18.31 -16.09 -17.38
CA SER E 137 18.14 -16.49 -15.99
C SER E 137 17.20 -15.52 -15.31
N ILE E 138 16.42 -16.03 -14.37
CA ILE E 138 15.53 -15.22 -13.56
C ILE E 138 15.74 -15.59 -12.10
N TYR E 139 15.46 -14.64 -11.20
CA TYR E 139 15.81 -14.78 -9.79
C TYR E 139 14.68 -14.24 -8.92
N TYR E 140 13.87 -15.15 -8.38
CA TYR E 140 12.97 -14.84 -7.27
C TYR E 140 12.83 -16.12 -6.46
N TYR E 141 11.92 -16.11 -5.49
CA TYR E 141 11.71 -17.31 -4.69
C TYR E 141 10.92 -18.33 -5.49
N GLY E 142 11.45 -19.54 -5.57
CA GLY E 142 10.83 -20.61 -6.34
C GLY E 142 11.14 -20.59 -7.82
N SER E 143 12.03 -19.70 -8.26
CA SER E 143 12.36 -19.61 -9.67
C SER E 143 13.30 -20.73 -10.09
N SER E 144 13.49 -20.86 -11.41
CA SER E 144 14.40 -21.84 -12.00
C SER E 144 15.43 -21.09 -12.83
N PRO E 145 16.55 -20.68 -12.22
CA PRO E 145 17.60 -20.01 -13.00
C PRO E 145 18.32 -20.97 -13.93
N PHE E 146 18.94 -20.38 -14.96
CA PHE E 146 19.65 -21.09 -16.04
C PHE E 146 18.74 -22.09 -16.74
N ASP E 147 17.51 -21.68 -17.03
CA ASP E 147 16.50 -22.57 -17.58
C ASP E 147 16.48 -22.61 -19.10
N PHE E 148 17.25 -21.76 -19.77
CA PHE E 148 17.25 -21.75 -21.23
C PHE E 148 18.64 -21.37 -21.73
N TRP E 149 19.10 -22.09 -22.75
CA TRP E 149 20.41 -21.86 -23.35
C TRP E 149 20.24 -21.61 -24.84
N GLY E 150 21.07 -20.72 -25.38
CA GLY E 150 21.03 -20.43 -26.80
C GLY E 150 21.67 -21.52 -27.64
N GLN E 151 21.49 -21.39 -28.96
CA GLN E 151 22.03 -22.39 -29.88
C GLN E 151 23.54 -22.31 -30.00
N GLY E 152 24.14 -21.17 -29.67
CA GLY E 152 25.59 -21.08 -29.62
C GLY E 152 26.18 -20.43 -30.84
N THR E 153 27.35 -19.81 -30.65
CA THR E 153 28.13 -19.23 -31.74
C THR E 153 29.58 -19.67 -31.59
N THR E 154 30.29 -19.68 -32.71
CA THR E 154 31.64 -20.22 -32.78
C THR E 154 32.64 -19.08 -32.88
N LEU E 155 33.56 -19.01 -31.93
CA LEU E 155 34.65 -18.04 -31.94
C LEU E 155 35.96 -18.80 -31.97
N THR E 156 36.82 -18.48 -32.94
CA THR E 156 38.10 -19.16 -33.11
C THR E 156 39.22 -18.13 -33.14
N VAL E 157 40.26 -18.38 -32.35
CA VAL E 157 41.44 -17.52 -32.30
C VAL E 157 42.63 -18.33 -32.82
N SER E 158 43.31 -17.79 -33.83
CA SER E 158 44.43 -18.48 -34.45
C SER E 158 45.66 -18.44 -33.54
N SER E 159 46.66 -19.23 -33.91
CA SER E 159 47.90 -19.30 -33.14
C SER E 159 48.76 -18.07 -33.42
N GLY E 160 49.71 -17.83 -32.52
CA GLY E 160 50.60 -16.69 -32.65
C GLY E 160 52.07 -17.07 -32.59
N GLY E 173 42.39 -18.68 -6.04
CA GLY E 173 41.68 -17.43 -6.27
C GLY E 173 40.44 -17.27 -5.42
N SER E 174 40.40 -18.06 -4.33
CA SER E 174 39.29 -18.10 -3.37
C SER E 174 37.95 -18.40 -4.05
N ASP E 175 37.95 -19.36 -4.96
CA ASP E 175 36.77 -19.79 -5.68
C ASP E 175 36.35 -21.18 -5.21
N ILE E 176 35.13 -21.57 -5.61
CA ILE E 176 34.61 -22.89 -5.30
C ILE E 176 34.83 -23.78 -6.51
N VAL E 177 35.54 -24.89 -6.30
CA VAL E 177 35.92 -25.80 -7.38
C VAL E 177 35.00 -27.01 -7.34
N MET E 178 34.34 -27.30 -8.46
CA MET E 178 33.48 -28.47 -8.58
C MET E 178 34.32 -29.69 -8.95
N THR E 179 34.13 -30.77 -8.20
CA THR E 179 34.91 -31.99 -8.38
C THR E 179 34.01 -33.12 -8.85
N GLN E 180 34.42 -33.79 -9.91
CA GLN E 180 33.73 -34.98 -10.42
C GLN E 180 34.72 -36.12 -10.48
N ALA E 181 34.32 -37.28 -9.95
CA ALA E 181 35.25 -38.40 -9.82
C ALA E 181 35.55 -39.05 -11.16
N THR E 182 34.52 -39.29 -11.98
CA THR E 182 34.68 -39.96 -13.26
C THR E 182 33.99 -39.13 -14.33
N SER E 183 34.71 -38.85 -15.41
CA SER E 183 34.18 -38.06 -16.52
C SER E 183 33.55 -38.91 -17.61
N SER E 184 33.61 -40.23 -17.50
CA SER E 184 33.05 -41.11 -18.54
C SER E 184 32.67 -42.43 -17.87
N VAL E 185 31.38 -42.61 -17.64
CA VAL E 185 30.84 -43.81 -17.02
C VAL E 185 30.06 -44.58 -18.08
N PRO E 186 30.49 -45.78 -18.48
CA PRO E 186 29.70 -46.58 -19.44
C PRO E 186 28.47 -47.15 -18.77
N VAL E 187 27.30 -46.81 -19.31
CA VAL E 187 26.03 -47.19 -18.72
C VAL E 187 25.26 -48.05 -19.73
N THR E 188 24.18 -48.66 -19.23
CA THR E 188 23.27 -49.47 -20.01
C THR E 188 21.85 -48.94 -19.84
N PRO E 189 21.00 -49.07 -20.87
CA PRO E 189 19.61 -48.65 -20.71
C PRO E 189 18.83 -49.56 -19.77
N GLY E 190 17.85 -48.97 -19.08
CA GLY E 190 16.99 -49.71 -18.20
C GLY E 190 17.46 -49.86 -16.77
N GLU E 191 18.66 -49.39 -16.44
CA GLU E 191 19.20 -49.49 -15.10
C GLU E 191 19.18 -48.13 -14.41
N SER E 192 19.51 -48.14 -13.13
CA SER E 192 19.60 -46.92 -12.33
C SER E 192 21.05 -46.43 -12.34
N VAL E 193 21.21 -45.15 -12.66
CA VAL E 193 22.54 -44.53 -12.80
C VAL E 193 22.71 -43.51 -11.68
N SER E 194 23.83 -43.58 -10.98
CA SER E 194 24.16 -42.66 -9.90
C SER E 194 25.38 -41.84 -10.30
N ILE E 195 25.24 -40.52 -10.30
CA ILE E 195 26.32 -39.60 -10.63
C ILE E 195 26.57 -38.72 -9.42
N SER E 196 27.83 -38.66 -8.97
CA SER E 196 28.20 -37.90 -7.79
C SER E 196 29.14 -36.77 -8.18
N CYS E 197 28.90 -35.59 -7.61
CA CYS E 197 29.74 -34.42 -7.80
C CYS E 197 30.06 -33.82 -6.44
N ARG E 198 31.24 -33.22 -6.34
CA ARG E 198 31.72 -32.65 -5.09
C ARG E 198 32.09 -31.19 -5.30
N SER E 199 32.20 -30.47 -4.18
CA SER E 199 32.58 -29.06 -4.20
C SER E 199 33.61 -28.81 -3.10
N SER E 200 34.45 -27.79 -3.32
CA SER E 200 35.45 -27.43 -2.32
C SER E 200 34.84 -26.76 -1.10
N LYS E 201 33.75 -26.01 -1.30
CA LYS E 201 33.06 -25.33 -0.22
C LYS E 201 31.65 -25.89 -0.07
N SER E 202 31.12 -25.83 1.15
CA SER E 202 29.76 -26.28 1.40
C SER E 202 28.77 -25.31 0.77
N LEU E 203 27.82 -25.85 0.00
CA LEU E 203 26.86 -25.05 -0.73
C LEU E 203 25.60 -24.75 0.08
N LEU E 204 25.49 -25.29 1.28
CA LEU E 204 24.34 -25.00 2.15
C LEU E 204 24.50 -23.60 2.74
N HIS E 205 23.43 -22.82 2.67
CA HIS E 205 23.42 -21.45 3.16
C HIS E 205 22.44 -21.33 4.33
N SER E 206 22.37 -20.13 4.91
CA SER E 206 21.54 -19.90 6.09
C SER E 206 20.04 -19.94 5.78
N ASN E 207 19.66 -19.79 4.51
CA ASN E 207 18.25 -19.84 4.13
C ASN E 207 17.77 -21.24 3.79
N GLY E 208 18.61 -22.26 3.95
CA GLY E 208 18.25 -23.62 3.65
C GLY E 208 18.40 -24.02 2.20
N ASN E 209 18.91 -23.13 1.34
CA ASN E 209 19.08 -23.43 -0.07
C ASN E 209 20.49 -23.96 -0.32
N THR E 210 20.57 -25.06 -1.05
CA THR E 210 21.84 -25.63 -1.49
C THR E 210 21.95 -25.40 -2.98
N TYR E 211 22.84 -24.49 -3.38
CA TYR E 211 22.89 -23.97 -4.75
C TYR E 211 23.75 -24.89 -5.61
N LEU E 212 23.14 -25.99 -6.08
CA LEU E 212 23.78 -26.87 -7.05
C LEU E 212 22.81 -27.15 -8.18
N TYR E 213 23.34 -27.20 -9.40
CA TYR E 213 22.54 -27.33 -10.61
C TYR E 213 23.04 -28.53 -11.41
N TRP E 214 22.18 -29.03 -12.29
CA TRP E 214 22.51 -30.14 -13.17
C TRP E 214 22.15 -29.78 -14.60
N PHE E 215 23.13 -29.85 -15.50
CA PHE E 215 22.95 -29.53 -16.90
C PHE E 215 23.31 -30.73 -17.76
N LEU E 216 22.47 -31.02 -18.75
CA LEU E 216 22.72 -32.09 -19.71
C LEU E 216 22.92 -31.47 -21.09
N GLN E 217 24.08 -31.74 -21.69
CA GLN E 217 24.40 -31.23 -23.02
C GLN E 217 24.44 -32.40 -23.99
N ARG E 218 23.37 -32.56 -24.74
CA ARG E 218 23.33 -33.57 -25.80
C ARG E 218 24.24 -33.15 -26.95
N PRO E 219 24.84 -34.11 -27.66
CA PRO E 219 25.70 -33.75 -28.81
C PRO E 219 24.90 -33.14 -29.94
N GLY E 220 25.37 -31.99 -30.42
CA GLY E 220 24.65 -31.23 -31.43
C GLY E 220 23.52 -30.38 -30.93
N GLN E 221 23.36 -30.25 -29.61
CA GLN E 221 22.27 -29.50 -29.03
C GLN E 221 22.78 -28.66 -27.88
N SER E 222 21.99 -27.65 -27.51
CA SER E 222 22.32 -26.77 -26.40
C SER E 222 22.22 -27.52 -25.07
N PRO E 223 22.94 -27.07 -24.04
CA PRO E 223 22.75 -27.65 -22.70
C PRO E 223 21.37 -27.37 -22.15
N GLN E 224 20.86 -28.33 -21.38
CA GLN E 224 19.51 -28.28 -20.83
C GLN E 224 19.57 -28.49 -19.33
N LEU E 225 18.89 -27.61 -18.58
CA LEU E 225 18.82 -27.74 -17.13
C LEU E 225 17.92 -28.90 -16.74
N LEU E 226 18.39 -29.71 -15.79
CA LEU E 226 17.63 -30.86 -15.32
C LEU E 226 17.14 -30.67 -13.89
N ILE E 227 18.04 -30.43 -12.94
CA ILE E 227 17.71 -30.28 -11.53
C ILE E 227 18.33 -28.98 -11.05
N TYR E 228 17.50 -28.09 -10.49
CA TYR E 228 17.97 -26.84 -9.92
C TYR E 228 17.77 -26.85 -8.41
N ARG E 229 18.80 -26.40 -7.69
CA ARG E 229 18.86 -26.37 -6.22
C ARG E 229 18.65 -27.75 -5.61
N MET E 230 19.20 -28.78 -6.29
CA MET E 230 19.52 -30.12 -5.79
C MET E 230 18.28 -31.01 -5.57
N SER E 231 17.08 -30.45 -5.61
CA SER E 231 15.90 -31.24 -5.33
C SER E 231 14.70 -30.94 -6.21
N ASN E 232 14.78 -29.97 -7.12
CA ASN E 232 13.63 -29.52 -7.87
C ASN E 232 13.77 -29.88 -9.34
N LEU E 233 12.69 -30.42 -9.90
CA LEU E 233 12.68 -30.84 -11.29
C LEU E 233 12.37 -29.64 -12.20
N ALA E 234 13.15 -29.48 -13.25
CA ALA E 234 12.98 -28.35 -14.15
C ALA E 234 11.82 -28.58 -15.11
N SER E 235 11.51 -27.55 -15.89
CA SER E 235 10.40 -27.61 -16.83
C SER E 235 10.78 -28.43 -18.06
N GLY E 236 9.92 -29.39 -18.41
CA GLY E 236 10.16 -30.28 -19.52
C GLY E 236 10.95 -31.52 -19.19
N VAL E 237 11.61 -31.55 -18.05
CA VAL E 237 12.37 -32.72 -17.62
C VAL E 237 11.38 -33.77 -17.09
N PRO E 238 11.49 -35.03 -17.52
CA PRO E 238 10.57 -36.06 -17.02
C PRO E 238 10.85 -36.41 -15.57
N ASP E 239 9.88 -37.13 -14.98
CA ASP E 239 9.90 -37.44 -13.55
C ASP E 239 10.92 -38.50 -13.18
N ARG E 240 11.57 -39.15 -14.15
CA ARG E 240 12.55 -40.18 -13.85
C ARG E 240 13.85 -39.62 -13.27
N PHE E 241 14.10 -38.32 -13.45
CA PHE E 241 15.30 -37.69 -12.91
C PHE E 241 15.06 -37.28 -11.46
N SER E 242 16.09 -37.45 -10.63
CA SER E 242 16.00 -37.09 -9.22
C SER E 242 17.37 -36.64 -8.74
N GLY E 243 17.38 -35.87 -7.67
CA GLY E 243 18.61 -35.36 -7.11
C GLY E 243 18.59 -35.44 -5.60
N SER E 244 19.77 -35.53 -5.02
CA SER E 244 19.92 -35.60 -3.57
C SER E 244 21.31 -35.13 -3.19
N GLY E 245 21.50 -34.87 -1.91
CA GLY E 245 22.79 -34.43 -1.41
C GLY E 245 22.67 -33.95 0.01
N SER E 246 23.84 -33.74 0.64
CA SER E 246 23.89 -33.26 2.01
C SER E 246 25.16 -32.42 2.17
N GLY E 247 25.03 -31.12 1.94
CA GLY E 247 26.10 -30.17 2.25
C GLY E 247 27.26 -30.18 1.28
N THR E 248 28.09 -31.23 1.32
CA THR E 248 29.28 -31.30 0.50
C THR E 248 29.24 -32.49 -0.45
N ALA E 249 28.56 -33.55 -0.04
CA ALA E 249 28.39 -34.75 -0.86
C ALA E 249 27.06 -34.67 -1.59
N PHE E 250 27.08 -34.99 -2.88
CA PHE E 250 25.90 -34.87 -3.73
C PHE E 250 25.71 -36.16 -4.53
N THR E 251 24.45 -36.45 -4.84
CA THR E 251 24.10 -37.67 -5.55
C THR E 251 22.99 -37.38 -6.56
N LEU E 252 23.29 -37.54 -7.84
CA LEU E 252 22.31 -37.43 -8.91
C LEU E 252 21.90 -38.83 -9.35
N THR E 253 20.62 -39.15 -9.23
CA THR E 253 20.11 -40.47 -9.54
C THR E 253 19.28 -40.40 -10.82
N ILE E 254 19.66 -41.20 -11.82
CA ILE E 254 18.90 -41.34 -13.06
C ILE E 254 18.39 -42.76 -13.13
N SER E 255 17.08 -42.91 -13.21
CA SER E 255 16.44 -44.22 -13.30
C SER E 255 15.75 -44.36 -14.65
N ARG E 256 15.83 -45.58 -15.22
CA ARG E 256 15.27 -45.93 -16.52
C ARG E 256 15.81 -45.02 -17.63
N LEU E 257 17.12 -45.12 -17.85
CA LEU E 257 17.80 -44.30 -18.84
C LEU E 257 17.35 -44.67 -20.24
N GLU E 258 17.10 -43.64 -21.07
CA GLU E 258 16.59 -43.81 -22.41
C GLU E 258 17.59 -43.26 -23.42
N ALA E 259 17.18 -43.23 -24.69
CA ALA E 259 18.07 -42.77 -25.76
C ALA E 259 18.27 -41.27 -25.76
N GLU E 260 17.38 -40.51 -25.13
CA GLU E 260 17.49 -39.06 -25.07
C GLU E 260 18.30 -38.57 -23.88
N ASP E 261 18.75 -39.48 -23.01
CA ASP E 261 19.52 -39.10 -21.83
C ASP E 261 21.03 -39.13 -22.07
N VAL E 262 21.47 -39.39 -23.29
CA VAL E 262 22.89 -39.41 -23.61
C VAL E 262 23.39 -37.97 -23.74
N GLY E 263 24.59 -37.73 -23.23
CA GLY E 263 25.18 -36.41 -23.27
C GLY E 263 26.20 -36.25 -22.15
N VAL E 264 26.52 -34.99 -21.85
CA VAL E 264 27.51 -34.64 -20.84
C VAL E 264 26.77 -34.00 -19.67
N TYR E 265 27.09 -34.45 -18.45
CA TYR E 265 26.45 -33.97 -17.24
C TYR E 265 27.40 -33.02 -16.49
N TYR E 266 26.90 -31.85 -16.15
CA TYR E 266 27.68 -30.82 -15.47
C TYR E 266 27.03 -30.47 -14.14
N CYS E 267 27.85 -30.22 -13.12
CA CYS E 267 27.40 -29.72 -11.84
C CYS E 267 27.93 -28.30 -11.64
N MET E 268 27.02 -27.36 -11.38
CA MET E 268 27.37 -25.95 -11.26
C MET E 268 26.91 -25.42 -9.91
N GLN E 269 27.77 -24.64 -9.28
CA GLN E 269 27.45 -23.97 -8.02
C GLN E 269 26.92 -22.57 -8.30
N HIS E 270 26.11 -22.07 -7.36
CA HIS E 270 25.58 -20.72 -7.45
C HIS E 270 25.58 -20.03 -6.09
N LEU E 271 26.51 -20.41 -5.22
CA LEU E 271 26.58 -19.80 -3.89
C LEU E 271 27.09 -18.36 -3.99
N GLU E 272 28.16 -18.14 -4.74
CA GLU E 272 28.72 -16.81 -4.93
C GLU E 272 29.51 -16.77 -6.23
N TYR E 273 29.55 -15.60 -6.84
CA TYR E 273 30.31 -15.41 -8.07
C TYR E 273 31.80 -15.45 -7.78
N PRO E 274 32.63 -15.97 -8.71
CA PRO E 274 32.34 -16.49 -10.05
C PRO E 274 31.74 -17.90 -10.06
N LEU E 275 30.88 -18.15 -11.05
CA LEU E 275 30.18 -19.43 -11.16
C LEU E 275 31.07 -20.44 -11.87
N THR E 276 31.29 -21.58 -11.23
CA THR E 276 32.17 -22.62 -11.76
C THR E 276 31.35 -23.87 -12.08
N PHE E 277 31.49 -24.36 -13.30
CA PHE E 277 30.84 -25.59 -13.71
C PHE E 277 31.66 -26.79 -13.28
N GLY E 278 31.13 -27.99 -13.54
CA GLY E 278 31.86 -29.21 -13.27
C GLY E 278 32.82 -29.57 -14.38
N ALA E 279 33.52 -30.68 -14.19
CA ALA E 279 34.44 -31.17 -15.21
C ALA E 279 33.71 -31.75 -16.40
N GLY E 280 32.52 -32.31 -16.19
CA GLY E 280 31.74 -32.88 -17.26
C GLY E 280 31.78 -34.39 -17.29
N THR E 281 30.67 -35.03 -16.93
CA THR E 281 30.55 -36.47 -16.92
C THR E 281 29.69 -36.90 -18.11
N LYS E 282 30.25 -37.73 -18.98
CA LYS E 282 29.58 -38.16 -20.19
C LYS E 282 29.14 -39.62 -20.04
N LEU E 283 27.85 -39.86 -20.21
CA LEU E 283 27.29 -41.21 -20.13
C LEU E 283 27.20 -41.80 -21.53
N GLU E 284 27.84 -42.95 -21.73
CA GLU E 284 27.91 -43.60 -23.02
C GLU E 284 27.34 -45.01 -22.93
N LEU E 285 26.64 -45.42 -23.98
CA LEU E 285 26.06 -46.76 -24.03
C LEU E 285 27.11 -47.76 -24.50
N LYS E 286 27.28 -48.83 -23.72
CA LYS E 286 28.23 -49.94 -23.91
C LYS E 286 29.64 -49.55 -24.37
#